data_7TL5
#
_entry.id   7TL5
#
_cell.length_a   76.453
_cell.length_b   80.159
_cell.length_c   243.825
_cell.angle_alpha   90.000
_cell.angle_beta   90.000
_cell.angle_gamma   90.000
#
_symmetry.space_group_name_H-M   'P 21 21 21'
#
loop_
_entity.id
_entity.type
_entity.pdbx_description
1 polymer 'Lactamase_B domain-containing protein'
2 non-polymer 1,2-ETHANEDIOL
3 water water
#
_entity_poly.entity_id   1
_entity_poly.type   'polypeptide(L)'
_entity_poly.pdbx_seq_one_letter_code
;AALQQDATPATREANQALYRKLPFADKTDFNNAHQGFIAPLPPA(MSE)LKGAQGNIIWDPAKYDFVKEGEKAPDTVNPS
LWRQSQLLNIGGLFKVTDGVYQIRNLDLSN(MSE)TIIEGKTGITVIDPLLSAEPAKEALALYFAHRPKKPVVAVLFTHS
HVDHYGGIRGVVDEADVKAGKVKIYAPAGF(MSE)EEAVSENI(MSE)AGTA(MSE)SRRASY(MSE)YGNLLKPDAKGQ
VGAGLGTTTSAGTVTLIPPTHYITHTGQQEVIDGLTYDF(MSE)(MSE)APGSEAPSE(MSE)LWYVKEKK(MSE)IEAA
EDVTHTLHNTYSLRGAKIRDPLAWSKYINAAIDRWGNEAEVIIAQHHWPTWGNDNIVKL(MSE)KGQRD(MSE)YRYIND
QTLR(MSE)ANLG(MSE)TRDEIAANFKLPDSLEKQWSSRGYYGSVSHDVKATYVFYLGWFDGNPATLDELPPEQAAKKF
VEY(MSE)GGADAI(MSE)QKAKADYQQGNYRWVAQVTSKIVFADPDNQQARDLEADALEQLGYQAEAGTWRNFYLTGAQ
ELRNGVQKLPTPNTASPDTVRA(MSE)TPE(MSE)FFDYLGVHINGEKAGAAKAVFNIDLGKDGGKYKLELENGVLNHTA
NAVADNADASISLSRDTLNKIILKQETLKQAEAQGKVKISGNGAKLDE(MSE)LSY(MSE)DTFAFWFNIVTP
;
_entity_poly.pdbx_strand_id   A,B
#
# COMPACT_ATOMS: atom_id res chain seq x y z
N ALA A 2 -21.16 28.14 -18.04
CA ALA A 2 -21.86 28.63 -16.86
C ALA A 2 -20.95 29.56 -16.03
N LEU A 3 -21.52 30.16 -15.00
CA LEU A 3 -20.82 31.15 -14.19
C LEU A 3 -20.56 30.61 -12.79
N GLN A 4 -19.57 31.20 -12.13
CA GLN A 4 -19.25 30.86 -10.75
C GLN A 4 -20.33 31.42 -9.83
N GLN A 5 -20.99 30.54 -9.08
CA GLN A 5 -22.10 30.94 -8.23
C GLN A 5 -21.62 31.37 -6.86
N ASP A 6 -22.47 32.18 -6.20
CA ASP A 6 -22.21 32.59 -4.83
C ASP A 6 -22.43 31.42 -3.88
N ALA A 7 -22.07 31.64 -2.62
CA ALA A 7 -22.35 30.65 -1.58
C ALA A 7 -23.85 30.56 -1.33
N THR A 8 -24.34 29.34 -1.22
CA THR A 8 -25.75 29.12 -0.93
C THR A 8 -26.00 29.31 0.57
N PRO A 9 -27.27 29.46 0.96
CA PRO A 9 -27.58 29.49 2.40
C PRO A 9 -27.08 28.27 3.15
N ALA A 10 -27.08 27.10 2.52
CA ALA A 10 -26.59 25.90 3.19
C ALA A 10 -25.08 25.96 3.40
N THR A 11 -24.35 26.54 2.44
CA THR A 11 -22.90 26.65 2.58
C THR A 11 -22.54 27.71 3.61
N ARG A 12 -23.19 28.87 3.55
CA ARG A 12 -22.94 29.92 4.52
C ARG A 12 -23.21 29.45 5.93
N GLU A 13 -24.29 28.68 6.13
CA GLU A 13 -24.60 28.16 7.46
C GLU A 13 -23.56 27.16 7.92
N ALA A 14 -23.05 26.34 7.01
CA ALA A 14 -22.06 25.34 7.39
C ALA A 14 -20.71 26.00 7.67
N ASN A 15 -20.33 26.99 6.87
CA ASN A 15 -19.08 27.71 7.14
C ASN A 15 -19.20 28.53 8.42
N GLN A 16 -20.35 29.16 8.65
CA GLN A 16 -20.53 29.97 9.85
C GLN A 16 -20.47 29.12 11.10
N ALA A 17 -21.00 27.89 11.03
CA ALA A 17 -20.98 27.02 12.20
C ALA A 17 -19.56 26.61 12.57
N LEU A 18 -18.71 26.36 11.58
CA LEU A 18 -17.33 26.02 11.85
C LEU A 18 -16.56 27.22 12.42
N TYR A 19 -16.92 28.43 12.01
CA TYR A 19 -16.27 29.62 12.53
C TYR A 19 -16.49 29.80 14.03
N ARG A 20 -17.55 29.21 14.57
CA ARG A 20 -17.85 29.29 16.00
C ARG A 20 -17.45 28.02 16.75
N LYS A 21 -16.94 27.01 16.04
CA LYS A 21 -16.55 25.75 16.66
C LYS A 21 -15.09 25.76 17.12
N LEU A 22 -14.19 26.30 16.29
CA LEU A 22 -12.76 26.25 16.53
C LEU A 22 -12.31 27.43 17.36
N PRO A 23 -11.18 27.30 18.08
CA PRO A 23 -10.68 28.42 18.88
C PRO A 23 -10.11 29.55 18.04
N PHE A 24 -10.97 30.28 17.33
CA PHE A 24 -10.51 31.40 16.53
C PHE A 24 -9.92 32.51 17.40
N ALA A 25 -10.34 32.61 18.66
CA ALA A 25 -9.83 33.65 19.54
C ALA A 25 -8.37 33.43 19.92
N ASP A 26 -7.87 32.20 19.78
CA ASP A 26 -6.49 31.91 20.14
C ASP A 26 -5.59 32.34 18.99
N LYS A 27 -4.99 33.53 19.11
CA LYS A 27 -4.10 34.07 18.11
C LYS A 27 -2.65 33.65 18.31
N THR A 28 -2.42 32.52 19.01
CA THR A 28 -1.05 32.08 19.26
C THR A 28 -0.28 31.86 17.98
N ASP A 29 -0.93 31.28 16.96
CA ASP A 29 -0.23 30.98 15.72
C ASP A 29 0.20 32.23 14.98
N PHE A 30 -0.64 33.27 14.95
CA PHE A 30 -0.27 34.52 14.30
C PHE A 30 0.91 35.19 15.01
N ASN A 31 1.02 34.99 16.33
CA ASN A 31 2.14 35.58 17.06
C ASN A 31 3.44 34.85 16.76
N ASN A 32 3.39 33.52 16.67
CA ASN A 32 4.59 32.76 16.33
C ASN A 32 5.00 33.00 14.88
N ALA A 33 4.04 33.26 14.00
CA ALA A 33 4.37 33.45 12.58
C ALA A 33 5.07 34.79 12.34
N HIS A 34 4.67 35.83 13.06
CA HIS A 34 5.29 37.13 12.91
C HIS A 34 6.57 37.28 13.73
N GLN A 35 6.84 36.35 14.63
CA GLN A 35 8.01 36.46 15.51
C GLN A 35 9.30 36.44 14.70
N GLY A 36 10.21 37.34 15.05
CA GLY A 36 11.52 37.38 14.43
C GLY A 36 11.54 37.86 12.99
N PHE A 37 10.56 38.66 12.58
CA PHE A 37 10.48 39.13 11.21
C PHE A 37 11.55 40.20 10.96
N ILE A 38 12.31 40.04 9.88
CA ILE A 38 13.36 40.98 9.50
C ILE A 38 12.95 41.79 8.26
N ALA A 39 12.59 41.12 7.17
CA ALA A 39 12.36 41.80 5.91
C ALA A 39 11.39 40.99 5.06
N PRO A 40 10.56 41.64 4.26
CA PRO A 40 9.65 40.92 3.37
C PRO A 40 10.40 40.41 2.14
N LEU A 41 9.67 39.68 1.30
CA LEU A 41 10.24 39.15 0.08
C LEU A 41 10.34 40.25 -1.00
N PRO A 42 11.30 40.13 -1.91
CA PRO A 42 11.42 41.13 -2.97
C PRO A 42 10.12 41.26 -3.75
N PRO A 43 9.82 42.45 -4.24
CA PRO A 43 8.45 42.70 -4.73
C PRO A 43 8.11 42.04 -6.06
N ALA A 44 9.07 41.88 -6.96
CA ALA A 44 8.77 41.43 -8.31
C ALA A 44 8.71 39.91 -8.39
N LEU A 46 9.41 36.09 -10.48
CA LEU A 46 10.58 35.38 -10.96
C LEU A 46 10.27 34.79 -12.34
N LYS A 47 11.21 34.95 -13.27
CA LYS A 47 11.06 34.42 -14.61
C LYS A 47 12.32 33.67 -14.99
N GLY A 48 12.16 32.73 -15.93
CA GLY A 48 13.30 31.99 -16.45
C GLY A 48 13.94 32.71 -17.62
N ALA A 49 14.14 31.98 -18.72
CA ALA A 49 14.66 32.62 -19.93
C ALA A 49 13.62 33.56 -20.53
N GLN A 50 12.38 33.09 -20.66
CA GLN A 50 11.29 33.92 -21.16
C GLN A 50 10.48 34.49 -20.00
N GLY A 51 9.19 34.72 -20.26
CA GLY A 51 8.31 35.26 -19.24
C GLY A 51 7.59 34.22 -18.42
N ASN A 52 8.07 32.97 -18.46
CA ASN A 52 7.45 31.92 -17.67
C ASN A 52 7.61 32.21 -16.19
N ILE A 53 6.50 32.22 -15.47
CA ILE A 53 6.49 32.63 -14.07
C ILE A 53 6.98 31.48 -13.21
N ILE A 54 8.03 31.72 -12.42
CA ILE A 54 8.57 30.74 -11.50
C ILE A 54 8.00 30.93 -10.09
N TRP A 55 7.80 32.17 -9.68
CA TRP A 55 7.20 32.45 -8.38
C TRP A 55 6.60 33.85 -8.40
N ASP A 56 5.46 34.01 -7.73
CA ASP A 56 4.78 35.30 -7.63
C ASP A 56 4.63 35.66 -6.17
N PRO A 57 5.43 36.60 -5.64
CA PRO A 57 5.33 36.95 -4.22
C PRO A 57 4.03 37.66 -3.84
N ALA A 58 3.11 37.87 -4.78
CA ALA A 58 1.86 38.56 -4.49
C ALA A 58 0.68 37.84 -5.15
N LYS A 59 0.78 36.53 -5.33
CA LYS A 59 -0.27 35.77 -5.99
C LYS A 59 -1.54 35.71 -5.14
N TYR A 60 -1.38 35.62 -3.82
CA TYR A 60 -2.50 35.54 -2.89
C TYR A 60 -2.59 36.79 -2.02
N ASP A 61 -2.38 37.96 -2.64
CA ASP A 61 -2.48 39.22 -1.91
C ASP A 61 -3.88 39.44 -1.36
N PHE A 62 -4.90 38.93 -2.05
CA PHE A 62 -6.28 39.13 -1.61
C PHE A 62 -6.58 38.43 -0.28
N VAL A 63 -5.71 37.53 0.18
CA VAL A 63 -5.89 36.87 1.48
C VAL A 63 -5.25 37.78 2.51
N LYS A 64 -5.99 38.82 2.89
CA LYS A 64 -5.50 39.79 3.86
C LYS A 64 -5.53 39.20 5.27
N GLU A 65 -4.54 39.60 6.08
CA GLU A 65 -4.36 38.97 7.38
C GLU A 65 -5.52 39.28 8.34
N GLY A 66 -5.99 40.52 8.33
CA GLY A 66 -7.05 40.91 9.24
C GLY A 66 -8.46 40.79 8.69
N GLU A 67 -8.60 40.60 7.39
CA GLU A 67 -9.91 40.62 6.76
C GLU A 67 -10.69 39.35 7.06
N LYS A 68 -12.00 39.50 7.22
CA LYS A 68 -12.87 38.36 7.46
C LYS A 68 -12.91 37.45 6.23
N ALA A 69 -13.16 36.16 6.47
CA ALA A 69 -13.21 35.20 5.39
C ALA A 69 -14.40 35.48 4.49
N PRO A 70 -14.23 35.43 3.17
CA PRO A 70 -15.37 35.56 2.26
C PRO A 70 -16.35 34.41 2.45
N ASP A 71 -17.59 34.64 2.01
CA ASP A 71 -18.63 33.62 2.14
C ASP A 71 -18.32 32.36 1.32
N THR A 72 -17.40 32.45 0.36
CA THR A 72 -17.07 31.33 -0.51
C THR A 72 -15.82 30.58 -0.07
N VAL A 73 -15.18 30.99 1.03
CA VAL A 73 -13.98 30.33 1.53
C VAL A 73 -14.26 29.80 2.92
N ASN A 74 -13.78 28.59 3.19
CA ASN A 74 -13.91 28.02 4.53
C ASN A 74 -13.20 28.92 5.53
N PRO A 75 -13.84 29.26 6.65
CA PRO A 75 -13.20 30.19 7.60
C PRO A 75 -11.91 29.66 8.20
N SER A 76 -11.78 28.33 8.31
CA SER A 76 -10.53 27.77 8.83
C SER A 76 -9.43 27.81 7.79
N LEU A 77 -9.75 27.43 6.54
CA LEU A 77 -8.76 27.51 5.47
C LEU A 77 -8.32 28.95 5.26
N TRP A 78 -9.23 29.90 5.43
CA TRP A 78 -8.88 31.32 5.32
C TRP A 78 -7.85 31.71 6.36
N ARG A 79 -7.98 31.18 7.58
CA ARG A 79 -7.02 31.48 8.63
C ARG A 79 -5.66 30.89 8.31
N GLN A 80 -5.62 29.65 7.83
CA GLN A 80 -4.35 29.04 7.49
C GLN A 80 -3.69 29.74 6.31
N SER A 81 -4.50 30.20 5.34
CA SER A 81 -3.95 30.85 4.16
C SER A 81 -3.35 32.21 4.49
N GLN A 82 -3.97 32.96 5.40
CA GLN A 82 -3.37 34.23 5.82
C GLN A 82 -2.18 33.99 6.75
N LEU A 83 -2.24 32.95 7.58
CA LEU A 83 -1.05 32.52 8.30
C LEU A 83 0.03 32.04 7.34
N LEU A 84 -0.37 31.46 6.21
CA LEU A 84 0.59 30.92 5.24
C LEU A 84 1.35 32.04 4.54
N ASN A 85 0.65 33.10 4.12
CA ASN A 85 1.27 34.18 3.38
C ASN A 85 2.04 35.14 4.27
N ILE A 86 2.09 34.91 5.58
CA ILE A 86 3.04 35.62 6.43
C ILE A 86 4.43 35.14 6.05
N GLY A 87 5.09 35.86 5.15
CA GLY A 87 6.34 35.40 4.56
C GLY A 87 7.42 36.46 4.70
N GLY A 88 8.62 36.08 4.28
CA GLY A 88 9.76 36.96 4.41
C GLY A 88 10.98 36.29 5.03
N LEU A 89 11.90 37.09 5.57
CA LEU A 89 13.07 36.56 6.26
C LEU A 89 12.85 36.68 7.76
N PHE A 90 12.97 35.56 8.47
CA PHE A 90 12.68 35.51 9.89
C PHE A 90 13.89 35.05 10.69
N LYS A 91 13.93 35.46 11.96
CA LYS A 91 14.92 35.01 12.91
C LYS A 91 14.25 34.08 13.91
N VAL A 92 14.69 32.83 13.94
CA VAL A 92 14.10 31.86 14.88
C VAL A 92 14.73 32.00 16.25
N THR A 93 16.05 31.87 16.34
CA THR A 93 16.78 32.10 17.58
C THR A 93 18.19 32.56 17.21
N ASP A 94 19.12 32.43 18.16
CA ASP A 94 20.50 32.88 17.96
C ASP A 94 21.18 32.13 16.83
N GLY A 95 21.29 32.78 15.67
CA GLY A 95 22.08 32.26 14.58
C GLY A 95 21.39 31.32 13.62
N VAL A 96 20.06 31.21 13.68
CA VAL A 96 19.30 30.41 12.73
C VAL A 96 18.22 31.28 12.11
N TYR A 97 18.02 31.13 10.80
CA TYR A 97 17.13 32.01 10.05
C TYR A 97 16.39 31.21 8.99
N GLN A 98 15.18 31.65 8.68
CA GLN A 98 14.34 30.99 7.70
C GLN A 98 13.79 32.02 6.71
N ILE A 99 13.61 31.57 5.47
CA ILE A 99 12.95 32.36 4.43
C ILE A 99 11.65 31.64 4.08
N ARG A 100 10.53 32.22 4.47
CA ARG A 100 9.23 31.56 4.33
C ARG A 100 8.43 32.14 3.18
N ASN A 101 7.58 31.29 2.60
CA ASN A 101 6.66 31.66 1.51
C ASN A 101 7.41 32.09 0.26
N LEU A 102 8.63 31.60 0.06
CA LEU A 102 9.31 31.72 -1.22
C LEU A 102 9.19 30.44 -2.05
N ASP A 103 8.44 29.46 -1.56
CA ASP A 103 8.10 28.23 -2.25
C ASP A 103 6.99 27.58 -1.45
N LEU A 104 6.70 26.31 -1.72
CA LEU A 104 5.76 25.58 -0.88
C LEU A 104 6.36 25.26 0.48
N SER A 105 7.69 25.30 0.59
CA SER A 105 8.40 24.96 1.82
C SER A 105 9.28 26.12 2.24
N ASN A 106 9.95 25.96 3.39
CA ASN A 106 10.85 26.97 3.93
C ASN A 106 12.30 26.59 3.65
N THR A 108 15.97 26.97 5.65
CA THR A 108 16.59 27.27 6.92
C THR A 108 18.09 27.52 6.73
N ILE A 109 18.59 28.57 7.38
CA ILE A 109 20.00 28.94 7.35
C ILE A 109 20.52 28.98 8.79
N ILE A 110 21.48 28.12 9.09
CA ILE A 110 22.10 28.07 10.42
C ILE A 110 23.51 28.62 10.32
N GLU A 111 23.85 29.54 11.22
CA GLU A 111 25.17 30.15 11.25
C GLU A 111 26.07 29.42 12.23
N GLY A 112 27.30 29.11 11.78
CA GLY A 112 28.29 28.48 12.61
C GLY A 112 29.47 29.40 12.88
N LYS A 113 30.60 28.79 13.22
CA LYS A 113 31.81 29.56 13.49
C LYS A 113 32.48 30.07 12.22
N THR A 114 32.36 29.31 11.13
CA THR A 114 33.01 29.67 9.86
C THR A 114 32.04 30.28 8.86
N GLY A 115 30.91 29.63 8.62
CA GLY A 115 29.93 30.10 7.64
C GLY A 115 28.53 29.69 8.00
N ILE A 116 27.70 29.54 6.98
CA ILE A 116 26.28 29.24 7.16
C ILE A 116 25.99 27.82 6.69
N THR A 117 24.90 27.26 7.21
CA THR A 117 24.44 25.93 6.86
C THR A 117 23.01 26.04 6.33
N VAL A 118 22.78 25.55 5.12
CA VAL A 118 21.49 25.64 4.46
C VAL A 118 20.80 24.29 4.55
N ILE A 119 19.51 24.30 4.89
CA ILE A 119 18.72 23.10 5.09
C ILE A 119 17.51 23.15 4.17
N ASP A 120 17.31 22.08 3.38
CA ASP A 120 16.19 21.95 2.45
C ASP A 120 16.12 23.14 1.50
N PRO A 121 17.06 23.26 0.55
CA PRO A 121 17.10 24.44 -0.33
C PRO A 121 15.97 24.50 -1.34
N LEU A 122 14.72 24.35 -0.87
CA LEU A 122 13.52 24.51 -1.67
C LEU A 122 13.43 23.53 -2.84
N LEU A 123 12.36 23.66 -3.64
CA LEU A 123 12.10 22.77 -4.76
C LEU A 123 12.81 23.19 -6.03
N SER A 124 13.12 24.47 -6.19
CA SER A 124 13.74 24.98 -7.40
C SER A 124 14.96 25.81 -7.04
N ALA A 125 15.86 25.96 -8.01
CA ALA A 125 17.12 26.65 -7.77
C ALA A 125 16.95 28.16 -7.70
N GLU A 126 16.10 28.72 -8.55
CA GLU A 126 15.94 30.17 -8.66
C GLU A 126 15.27 30.76 -7.43
N PRO A 127 14.20 30.15 -6.88
CA PRO A 127 13.70 30.64 -5.58
C PRO A 127 14.73 30.49 -4.47
N ALA A 128 15.55 29.42 -4.51
CA ALA A 128 16.61 29.28 -3.52
C ALA A 128 17.64 30.39 -3.66
N LYS A 129 17.78 30.96 -4.86
CA LYS A 129 18.76 32.02 -5.07
C LYS A 129 18.26 33.36 -4.52
N GLU A 130 17.00 33.71 -4.80
CA GLU A 130 16.43 34.94 -4.26
C GLU A 130 16.23 34.84 -2.76
N ALA A 131 16.24 33.64 -2.20
CA ALA A 131 16.15 33.48 -0.74
C ALA A 131 17.50 33.70 -0.08
N LEU A 132 18.55 33.09 -0.63
CA LEU A 132 19.89 33.29 -0.07
C LEU A 132 20.35 34.73 -0.26
N ALA A 133 20.02 35.34 -1.40
CA ALA A 133 20.36 36.74 -1.60
C ALA A 133 19.57 37.67 -0.69
N LEU A 134 18.40 37.22 -0.21
CA LEU A 134 17.65 38.01 0.76
C LEU A 134 18.27 37.89 2.15
N TYR A 135 18.74 36.69 2.52
CA TYR A 135 19.41 36.51 3.79
C TYR A 135 20.69 37.35 3.85
N PHE A 136 21.50 37.30 2.79
CA PHE A 136 22.72 38.08 2.74
C PHE A 136 22.47 39.57 2.60
N ALA A 137 21.25 39.98 2.29
CA ALA A 137 20.90 41.40 2.26
C ALA A 137 20.74 42.00 3.65
N HIS A 138 20.73 41.16 4.70
CA HIS A 138 20.54 41.66 6.05
C HIS A 138 21.48 41.00 7.06
N ARG A 139 22.44 40.19 6.62
CA ARG A 139 23.35 39.49 7.50
C ARG A 139 24.72 39.42 6.85
N PRO A 140 25.78 39.19 7.63
CA PRO A 140 27.14 39.23 7.06
C PRO A 140 27.34 38.18 5.98
N LYS A 141 28.10 38.56 4.96
CA LYS A 141 28.42 37.66 3.86
C LYS A 141 29.40 36.60 4.31
N LYS A 142 28.98 35.33 4.21
CA LYS A 142 29.78 34.20 4.66
C LYS A 142 29.62 33.05 3.69
N PRO A 143 30.60 32.16 3.60
CA PRO A 143 30.50 31.03 2.66
C PRO A 143 29.53 29.97 3.14
N VAL A 144 29.03 29.20 2.19
CA VAL A 144 28.14 28.06 2.48
C VAL A 144 29.04 26.85 2.74
N VAL A 145 29.04 26.38 3.99
CA VAL A 145 29.96 25.32 4.37
C VAL A 145 29.32 23.93 4.29
N ALA A 146 28.01 23.82 4.55
CA ALA A 146 27.36 22.51 4.56
C ALA A 146 25.87 22.68 4.23
N VAL A 147 25.32 21.66 3.57
CA VAL A 147 23.91 21.62 3.21
C VAL A 147 23.32 20.32 3.75
N LEU A 148 22.05 20.39 4.16
CA LEU A 148 21.36 19.25 4.75
C LEU A 148 20.06 18.99 3.99
N PHE A 149 19.69 17.71 3.93
CA PHE A 149 18.43 17.26 3.33
C PHE A 149 17.66 16.47 4.36
N THR A 150 16.51 16.99 4.81
CA THR A 150 15.70 16.27 5.78
C THR A 150 15.06 15.04 5.15
N HIS A 151 14.36 15.22 4.04
CA HIS A 151 13.78 14.12 3.28
C HIS A 151 14.54 13.93 1.97
N SER A 152 14.26 12.81 1.32
CA SER A 152 14.86 12.47 0.03
C SER A 152 13.89 12.71 -1.10
N HIS A 153 13.27 13.89 -1.14
CA HIS A 153 12.25 14.21 -2.13
C HIS A 153 12.50 15.58 -2.73
N VAL A 154 11.93 15.80 -3.91
CA VAL A 154 12.35 16.89 -4.78
C VAL A 154 12.07 18.25 -4.15
N ASP A 155 11.08 18.35 -3.27
CA ASP A 155 10.83 19.61 -2.60
C ASP A 155 11.82 19.88 -1.47
N HIS A 156 12.80 19.00 -1.27
CA HIS A 156 13.85 19.20 -0.27
C HIS A 156 15.21 19.48 -0.88
N TYR A 157 15.51 18.94 -2.06
CA TYR A 157 16.82 19.11 -2.69
C TYR A 157 16.78 19.85 -4.02
N GLY A 158 15.58 20.20 -4.51
CA GLY A 158 15.46 20.69 -5.88
C GLY A 158 16.24 21.94 -6.19
N GLY A 159 16.57 22.74 -5.18
CA GLY A 159 17.33 23.95 -5.41
C GLY A 159 18.70 23.92 -4.79
N ILE A 160 19.41 22.80 -4.94
CA ILE A 160 20.69 22.63 -4.25
C ILE A 160 21.75 23.56 -4.85
N ARG A 161 21.76 23.71 -6.17
CA ARG A 161 22.80 24.51 -6.82
C ARG A 161 22.39 25.96 -7.06
N GLY A 162 21.24 26.38 -6.52
CA GLY A 162 20.95 27.78 -6.37
C GLY A 162 21.49 28.36 -5.09
N VAL A 163 22.25 27.57 -4.33
CA VAL A 163 22.76 27.96 -3.02
C VAL A 163 24.23 27.58 -2.93
N VAL A 164 24.59 26.44 -3.53
CA VAL A 164 25.95 25.93 -3.49
C VAL A 164 26.38 25.54 -4.90
N ASP A 165 27.70 25.44 -5.10
CA ASP A 165 28.27 25.04 -6.38
C ASP A 165 28.74 23.60 -6.31
N GLU A 166 28.53 22.86 -7.40
CA GLU A 166 28.96 21.47 -7.44
C GLU A 166 30.48 21.36 -7.51
N ALA A 167 31.13 22.34 -8.15
CA ALA A 167 32.59 22.35 -8.18
C ALA A 167 33.17 22.48 -6.78
N ASP A 168 32.51 23.27 -5.92
CA ASP A 168 32.96 23.41 -4.54
C ASP A 168 32.62 22.17 -3.73
N VAL A 169 31.53 21.46 -4.07
CA VAL A 169 31.22 20.21 -3.41
C VAL A 169 32.21 19.12 -3.82
N LYS A 170 32.52 19.04 -5.11
CA LYS A 170 33.50 18.07 -5.59
C LYS A 170 34.90 18.40 -5.09
N ALA A 171 35.21 19.68 -4.88
CA ALA A 171 36.49 20.08 -4.33
C ALA A 171 36.55 19.93 -2.81
N GLY A 172 35.51 19.38 -2.18
CA GLY A 172 35.50 19.18 -0.75
C GLY A 172 35.26 20.43 0.08
N LYS A 173 35.02 21.58 -0.53
CA LYS A 173 34.78 22.79 0.24
C LYS A 173 33.45 22.76 0.95
N VAL A 174 32.45 22.08 0.39
CA VAL A 174 31.12 21.99 0.97
C VAL A 174 30.73 20.53 1.12
N LYS A 175 29.96 20.24 2.17
CA LYS A 175 29.47 18.90 2.44
C LYS A 175 27.96 18.88 2.38
N ILE A 176 27.41 17.74 1.96
CA ILE A 176 25.98 17.53 1.89
C ILE A 176 25.62 16.30 2.72
N TYR A 177 24.66 16.45 3.62
CA TYR A 177 24.23 15.38 4.52
C TYR A 177 22.80 14.99 4.19
N ALA A 178 22.59 13.73 3.84
CA ALA A 178 21.29 13.17 3.56
C ALA A 178 21.15 11.83 4.24
N PRO A 179 19.92 11.34 4.44
CA PRO A 179 19.76 9.99 4.97
C PRO A 179 20.38 8.95 4.06
N ALA A 180 20.57 7.74 4.60
CA ALA A 180 21.35 6.72 3.90
C ALA A 180 20.72 6.35 2.56
N GLY A 181 19.40 6.23 2.51
CA GLY A 181 18.73 5.84 1.29
C GLY A 181 18.24 7.02 0.46
N PHE A 182 19.02 8.10 0.44
CA PHE A 182 18.63 9.28 -0.32
C PHE A 182 18.53 8.97 -1.81
N GLU A 184 18.35 6.22 -3.64
CA GLU A 184 17.37 5.26 -4.10
C GLU A 184 15.95 5.82 -4.05
N GLU A 185 15.66 6.66 -3.06
CA GLU A 185 14.33 7.24 -2.90
C GLU A 185 14.16 8.53 -3.70
N ALA A 186 15.21 9.33 -3.84
CA ALA A 186 15.08 10.62 -4.49
C ALA A 186 14.72 10.47 -5.97
N VAL A 187 15.19 9.41 -6.61
CA VAL A 187 14.97 9.25 -8.05
C VAL A 187 13.58 8.68 -8.33
N SER A 188 13.14 7.70 -7.54
CA SER A 188 11.95 6.92 -7.83
C SER A 188 10.65 7.65 -7.51
N GLU A 189 10.71 8.95 -7.21
CA GLU A 189 9.56 9.63 -6.62
C GLU A 189 8.34 9.59 -7.54
N ASN A 190 8.47 10.11 -8.76
CA ASN A 190 7.32 10.24 -9.64
C ASN A 190 7.69 9.81 -11.07
N ILE A 191 8.36 8.68 -11.21
CA ILE A 191 8.82 8.27 -12.52
C ILE A 191 7.83 7.32 -13.20
N ALA A 193 4.43 6.41 -12.41
CA ALA A 193 3.08 6.97 -12.57
C ALA A 193 3.13 8.48 -12.70
N GLY A 194 4.10 8.99 -13.46
CA GLY A 194 4.35 10.43 -13.49
C GLY A 194 3.23 11.21 -14.16
N THR A 195 2.85 10.81 -15.37
CA THR A 195 1.83 11.56 -16.11
C THR A 195 0.49 11.57 -15.38
N ALA A 196 0.11 10.44 -14.80
CA ALA A 196 -1.15 10.40 -14.04
C ALA A 196 -1.08 11.29 -12.81
N SER A 198 1.05 14.04 -12.27
CA SER A 198 1.19 15.45 -12.58
C SER A 198 -0.12 16.07 -13.03
N ARG A 199 -0.93 15.32 -13.78
CA ARG A 199 -2.26 15.80 -14.16
C ARG A 199 -3.17 15.86 -12.93
N ARG A 200 -3.04 14.91 -12.01
CA ARG A 200 -3.74 15.01 -10.74
C ARG A 200 -3.27 16.21 -9.94
N ALA A 201 -1.98 16.55 -10.03
CA ALA A 201 -1.44 17.67 -9.25
C ALA A 201 -2.00 19.00 -9.71
N SER A 202 -2.34 19.13 -11.00
CA SER A 202 -2.95 20.37 -11.48
C SER A 202 -4.28 20.63 -10.79
N TYR A 203 -5.04 19.57 -10.51
CA TYR A 203 -6.24 19.71 -9.70
C TYR A 203 -5.89 20.05 -8.24
N TYR A 205 -3.13 21.59 -6.74
CA TYR A 205 -2.50 22.86 -6.39
C TYR A 205 -3.12 24.04 -7.13
N GLY A 206 -4.33 23.87 -7.66
CA GLY A 206 -5.10 24.99 -8.21
C GLY A 206 -4.43 25.72 -9.35
N ASN A 207 -3.57 25.06 -10.11
CA ASN A 207 -2.89 25.73 -11.21
C ASN A 207 -3.87 26.15 -12.30
N LEU A 208 -4.99 25.45 -12.43
CA LEU A 208 -6.00 25.77 -13.42
C LEU A 208 -7.06 26.75 -12.91
N LEU A 209 -6.96 27.17 -11.65
CA LEU A 209 -7.92 28.09 -11.05
C LEU A 209 -7.33 29.49 -10.97
N LYS A 210 -8.22 30.46 -10.79
CA LYS A 210 -7.80 31.86 -10.62
C LYS A 210 -7.70 32.18 -9.14
N PRO A 211 -6.62 32.83 -8.69
CA PRO A 211 -6.50 33.18 -7.27
C PRO A 211 -7.49 34.25 -6.85
N ASP A 212 -8.68 33.85 -6.39
CA ASP A 212 -9.67 34.78 -5.88
C ASP A 212 -10.55 34.03 -4.86
N ALA A 213 -11.62 34.69 -4.42
CA ALA A 213 -12.46 34.13 -3.37
C ALA A 213 -13.26 32.92 -3.83
N LYS A 214 -13.41 32.73 -5.15
CA LYS A 214 -14.13 31.58 -5.69
C LYS A 214 -13.21 30.59 -6.38
N GLY A 215 -11.90 30.70 -6.16
CA GLY A 215 -10.96 29.78 -6.77
C GLY A 215 -9.78 29.46 -5.88
N GLN A 216 -8.57 29.61 -6.43
CA GLN A 216 -7.36 29.29 -5.70
C GLN A 216 -7.22 30.18 -4.48
N VAL A 217 -6.77 29.60 -3.37
CA VAL A 217 -6.67 30.32 -2.11
C VAL A 217 -5.45 29.85 -1.33
N GLY A 218 -5.00 28.64 -1.62
CA GLY A 218 -3.87 28.06 -0.93
C GLY A 218 -3.87 26.56 -1.04
N ALA A 219 -2.80 25.95 -0.54
CA ALA A 219 -2.63 24.50 -0.59
C ALA A 219 -2.47 23.86 0.78
N GLY A 220 -2.54 24.63 1.86
CA GLY A 220 -2.45 24.08 3.20
C GLY A 220 -1.03 23.96 3.72
N LEU A 221 -0.26 23.03 3.17
CA LEU A 221 1.14 22.88 3.58
C LEU A 221 1.95 24.12 3.20
N GLY A 222 1.69 24.67 2.02
CA GLY A 222 2.30 25.90 1.56
C GLY A 222 1.32 26.64 0.67
N THR A 223 1.72 27.83 0.23
CA THR A 223 0.86 28.61 -0.66
C THR A 223 0.70 27.92 -2.01
N THR A 224 1.79 27.75 -2.74
CA THR A 224 1.78 26.98 -3.97
C THR A 224 3.21 26.58 -4.29
N THR A 225 3.37 25.76 -5.32
CA THR A 225 4.67 25.24 -5.71
C THR A 225 5.36 26.19 -6.69
N SER A 226 6.70 26.18 -6.66
CA SER A 226 7.48 26.93 -7.63
C SER A 226 7.68 26.11 -8.89
N ALA A 227 7.94 26.81 -10.00
CA ALA A 227 8.05 26.18 -11.32
C ALA A 227 9.34 26.64 -12.01
N GLY A 228 10.47 26.32 -11.39
CA GLY A 228 11.76 26.69 -11.96
C GLY A 228 12.56 25.50 -12.43
N THR A 229 13.86 25.49 -12.13
CA THR A 229 14.76 24.42 -12.55
C THR A 229 15.02 23.47 -11.41
N VAL A 230 14.83 22.18 -11.65
CA VAL A 230 15.08 21.14 -10.66
C VAL A 230 16.53 20.71 -10.76
N THR A 231 17.25 20.77 -9.64
CA THR A 231 18.68 20.49 -9.62
C THR A 231 18.98 19.45 -8.54
N LEU A 232 20.08 18.73 -8.73
CA LEU A 232 20.47 17.67 -7.80
C LEU A 232 21.98 17.54 -7.76
N ILE A 233 22.53 17.46 -6.56
CA ILE A 233 23.95 17.17 -6.35
C ILE A 233 24.02 15.98 -5.40
N PRO A 234 24.67 14.88 -5.78
CA PRO A 234 24.74 13.70 -4.91
C PRO A 234 25.41 14.03 -3.58
N PRO A 235 24.77 13.70 -2.47
CA PRO A 235 25.34 14.02 -1.15
C PRO A 235 26.70 13.39 -0.95
N THR A 236 27.49 14.02 -0.08
CA THR A 236 28.85 13.56 0.19
C THR A 236 28.99 12.86 1.54
N HIS A 237 28.17 13.22 2.53
CA HIS A 237 28.19 12.59 3.84
C HIS A 237 26.80 12.01 4.11
N TYR A 238 26.77 10.78 4.60
CA TYR A 238 25.52 10.08 4.87
C TYR A 238 25.38 9.79 6.36
N ILE A 239 24.17 9.97 6.87
CA ILE A 239 23.81 9.57 8.22
C ILE A 239 23.25 8.15 8.16
N THR A 240 23.80 7.26 8.98
CA THR A 240 23.47 5.83 8.89
C THR A 240 22.55 5.34 9.99
N HIS A 241 22.76 5.76 11.24
CA HIS A 241 22.01 5.23 12.36
C HIS A 241 21.39 6.35 13.18
N THR A 242 20.41 5.96 14.00
CA THR A 242 19.63 6.89 14.80
C THR A 242 20.45 7.53 15.93
N GLY A 243 21.62 6.97 16.25
CA GLY A 243 22.49 7.55 17.27
C GLY A 243 23.65 8.37 16.75
N GLN A 244 23.71 8.66 15.45
CA GLN A 244 24.86 9.34 14.88
C GLN A 244 24.90 10.81 15.29
N GLN A 245 26.11 11.36 15.35
CA GLN A 245 26.32 12.77 15.66
C GLN A 245 27.34 13.36 14.71
N GLU A 246 27.12 14.61 14.29
CA GLU A 246 28.00 15.31 13.38
C GLU A 246 28.24 16.72 13.89
N VAL A 247 29.47 17.19 13.74
CA VAL A 247 29.87 18.52 14.17
C VAL A 247 29.94 19.39 12.91
N ILE A 248 28.94 20.24 12.71
CA ILE A 248 28.83 21.11 11.55
C ILE A 248 29.09 22.54 12.02
N ASP A 249 30.25 23.09 11.64
CA ASP A 249 30.63 24.46 11.99
C ASP A 249 30.60 24.68 13.51
N GLY A 250 31.09 23.70 14.25
CA GLY A 250 31.10 23.78 15.70
C GLY A 250 29.79 23.48 16.38
N LEU A 251 28.75 23.18 15.63
CA LEU A 251 27.44 22.83 16.17
C LEU A 251 27.25 21.33 16.15
N THR A 252 26.70 20.78 17.24
CA THR A 252 26.54 19.35 17.41
C THR A 252 25.13 18.94 17.00
N TYR A 253 25.02 18.04 16.03
CA TYR A 253 23.75 17.59 15.47
C TYR A 253 23.49 16.17 15.96
N ASP A 254 22.47 16.00 16.82
CA ASP A 254 22.07 14.69 17.31
C ASP A 254 20.93 14.18 16.43
N PHE A 255 21.22 13.19 15.60
CA PHE A 255 20.27 12.73 14.58
C PHE A 255 19.36 11.63 15.13
N ALA A 258 14.32 7.49 10.69
CA ALA A 258 12.95 7.01 10.70
C ALA A 258 12.91 5.60 11.29
N PRO A 259 11.72 5.16 11.79
CA PRO A 259 11.60 3.84 12.42
C PRO A 259 12.46 2.74 11.81
N GLY A 260 13.69 2.63 12.32
CA GLY A 260 14.71 1.68 11.91
C GLY A 260 14.43 0.76 10.74
N SER A 261 13.98 1.32 9.62
CA SER A 261 13.69 0.53 8.43
C SER A 261 14.98 0.37 7.62
N GLU A 262 14.85 0.05 6.34
CA GLU A 262 15.99 -0.30 5.51
C GLU A 262 16.37 0.87 4.63
N ALA A 263 17.65 1.29 4.71
CA ALA A 263 18.16 2.49 4.06
C ALA A 263 17.20 3.65 4.34
N PRO A 264 17.12 4.12 5.58
CA PRO A 264 16.09 5.11 5.94
C PRO A 264 16.24 6.38 5.11
N SER A 265 15.10 6.90 4.66
CA SER A 265 15.04 8.08 3.82
C SER A 265 14.53 9.32 4.55
N GLU A 266 14.23 9.20 5.84
CA GLU A 266 13.69 10.30 6.62
C GLU A 266 14.65 10.62 7.76
N LEU A 268 15.55 13.30 11.33
CA LEU A 268 15.32 14.29 12.37
C LEU A 268 16.60 14.48 13.17
N TRP A 269 16.93 15.73 13.48
CA TRP A 269 18.12 16.02 14.28
C TRP A 269 17.80 17.05 15.35
N TYR A 270 18.81 17.35 16.16
CA TYR A 270 18.64 18.26 17.30
C TYR A 270 19.98 18.91 17.59
N VAL A 271 20.07 20.21 17.34
CA VAL A 271 21.28 20.98 17.66
C VAL A 271 21.29 21.23 19.16
N LYS A 272 22.27 20.65 19.85
CA LYS A 272 22.28 20.71 21.31
C LYS A 272 22.45 22.13 21.82
N GLU A 273 23.31 22.92 21.16
CA GLU A 273 23.59 24.26 21.66
C GLU A 273 22.41 25.20 21.44
N LYS A 274 21.74 25.08 20.28
CA LYS A 274 20.55 25.88 20.02
C LYS A 274 19.31 25.34 20.71
N LYS A 275 19.38 24.13 21.27
CA LYS A 275 18.22 23.45 21.85
C LYS A 275 17.07 23.40 20.86
N ILE A 277 14.97 21.41 17.63
CA ILE A 277 14.60 20.21 16.88
C ILE A 277 14.28 20.61 15.45
N GLU A 278 14.79 19.85 14.49
CA GLU A 278 14.38 19.98 13.11
C GLU A 278 13.26 19.00 12.85
N ALA A 279 12.04 19.50 12.71
CA ALA A 279 10.86 18.65 12.57
C ALA A 279 10.66 18.13 11.15
N ALA A 280 11.38 18.67 10.17
CA ALA A 280 11.24 18.30 8.75
C ALA A 280 9.78 18.52 8.37
N GLU A 281 9.10 17.56 7.73
CA GLU A 281 7.67 17.65 7.45
C GLU A 281 6.83 16.90 8.46
N ASP A 282 7.45 16.35 9.51
CA ASP A 282 6.78 15.42 10.42
C ASP A 282 5.98 16.12 11.49
N VAL A 283 6.52 17.17 12.10
CA VAL A 283 5.79 17.97 13.09
C VAL A 283 5.56 19.34 12.44
N THR A 284 4.38 19.52 11.86
CA THR A 284 3.99 20.78 11.24
C THR A 284 2.68 21.27 11.88
N HIS A 285 2.10 22.30 11.27
CA HIS A 285 0.84 22.84 11.76
C HIS A 285 -0.29 22.50 10.80
N THR A 286 -0.38 21.22 10.42
CA THR A 286 -1.43 20.70 9.56
C THR A 286 -1.38 19.19 9.62
N LEU A 287 -2.52 18.56 9.39
CA LEU A 287 -2.55 17.11 9.20
C LEU A 287 -1.97 16.78 7.84
N HIS A 288 -1.03 15.85 7.80
CA HIS A 288 -0.28 15.63 6.57
C HIS A 288 -0.96 14.62 5.66
N ASN A 289 -0.66 14.73 4.37
CA ASN A 289 -1.24 13.88 3.33
C ASN A 289 -0.70 12.46 3.36
N THR A 290 0.39 12.21 4.10
CA THR A 290 1.09 10.93 4.18
C THR A 290 1.85 10.61 2.89
N TYR A 291 1.65 11.41 1.84
CA TYR A 291 2.43 11.30 0.63
C TYR A 291 3.33 12.52 0.49
N SER A 292 4.21 12.47 -0.52
CA SER A 292 5.11 13.57 -0.79
C SER A 292 4.51 14.49 -1.86
N LEU A 293 5.30 15.48 -2.27
CA LEU A 293 4.84 16.42 -3.29
C LEU A 293 4.62 15.74 -4.63
N ARG A 294 5.39 14.68 -4.91
CA ARG A 294 5.30 13.96 -6.18
C ARG A 294 4.61 12.61 -6.05
N GLY A 295 3.95 12.34 -4.93
CA GLY A 295 3.15 11.15 -4.76
C GLY A 295 3.82 10.01 -4.02
N ALA A 296 5.12 10.09 -3.76
CA ALA A 296 5.80 9.03 -3.03
C ALA A 296 5.36 9.02 -1.58
N LYS A 297 4.92 7.86 -1.09
CA LYS A 297 4.41 7.77 0.26
C LYS A 297 5.52 7.93 1.28
N ILE A 298 5.18 8.51 2.42
CA ILE A 298 6.15 8.79 3.48
C ILE A 298 6.14 7.65 4.49
N ARG A 299 5.02 7.46 5.18
CA ARG A 299 4.88 6.40 6.16
C ARG A 299 3.41 6.31 6.56
N ASP A 300 3.08 5.25 7.29
CA ASP A 300 1.74 5.03 7.80
C ASP A 300 1.52 5.83 9.08
N PRO A 301 0.25 6.04 9.48
CA PRO A 301 -0.01 6.85 10.67
C PRO A 301 0.66 6.33 11.93
N LEU A 302 0.68 5.01 12.15
CA LEU A 302 1.31 4.49 13.37
C LEU A 302 2.80 4.77 13.37
N ALA A 303 3.47 4.54 12.24
CA ALA A 303 4.89 4.84 12.15
C ALA A 303 5.14 6.33 12.34
N TRP A 304 4.23 7.17 11.84
CA TRP A 304 4.34 8.61 12.06
C TRP A 304 4.19 8.96 13.53
N SER A 305 3.24 8.31 14.22
CA SER A 305 3.01 8.59 15.63
C SER A 305 4.16 8.10 16.49
N LYS A 306 4.67 6.89 16.21
CA LYS A 306 5.82 6.38 16.94
C LYS A 306 7.08 7.18 16.62
N TYR A 307 7.18 7.70 15.40
CA TYR A 307 8.30 8.56 15.05
C TYR A 307 8.32 9.82 15.91
N ILE A 308 7.13 10.35 16.22
CA ILE A 308 7.06 11.54 17.06
C ILE A 308 7.27 11.18 18.53
N ASN A 309 6.67 10.07 18.99
CA ASN A 309 6.83 9.66 20.37
C ASN A 309 8.29 9.39 20.72
N ALA A 310 9.07 8.89 19.76
CA ALA A 310 10.49 8.71 19.99
C ALA A 310 11.21 10.05 20.11
N ALA A 311 10.76 11.05 19.36
CA ALA A 311 11.32 12.40 19.45
C ALA A 311 10.78 13.17 20.65
N ILE A 312 9.86 12.59 21.41
CA ILE A 312 9.43 13.18 22.67
C ILE A 312 10.22 12.60 23.84
N ASP A 313 10.44 11.29 23.83
CA ASP A 313 11.30 10.67 24.85
C ASP A 313 12.74 11.15 24.72
N ARG A 314 13.17 11.45 23.51
CA ARG A 314 14.50 12.00 23.24
C ARG A 314 14.35 13.45 22.83
N TRP A 315 15.07 14.34 23.52
CA TRP A 315 15.08 15.80 23.37
C TRP A 315 13.87 16.46 24.01
N GLY A 316 12.83 15.71 24.39
CA GLY A 316 11.59 16.34 24.83
C GLY A 316 11.72 17.13 26.11
N ASN A 317 12.58 16.67 27.02
CA ASN A 317 12.69 17.32 28.33
C ASN A 317 13.50 18.60 28.30
N GLU A 318 14.32 18.83 27.28
CA GLU A 318 15.15 20.03 27.22
C GLU A 318 14.99 20.85 25.94
N ALA A 319 14.22 20.38 24.96
CA ALA A 319 14.07 21.14 23.72
C ALA A 319 13.40 22.47 23.97
N GLU A 320 14.00 23.54 23.45
CA GLU A 320 13.45 24.88 23.61
C GLU A 320 13.12 25.57 22.29
N VAL A 321 13.47 24.97 21.15
CA VAL A 321 13.09 25.49 19.84
C VAL A 321 12.74 24.31 18.95
N ILE A 322 11.77 24.51 18.05
CA ILE A 322 11.45 23.52 17.02
C ILE A 322 11.11 24.27 15.74
N ILE A 323 11.72 23.86 14.64
CA ILE A 323 11.47 24.44 13.33
C ILE A 323 11.11 23.33 12.35
N ALA A 324 10.36 23.69 11.32
CA ALA A 324 9.91 22.73 10.32
C ALA A 324 10.16 23.30 8.93
N GLN A 325 10.05 22.43 7.93
CA GLN A 325 10.27 22.80 6.54
C GLN A 325 9.07 23.53 5.92
N HIS A 326 7.94 23.60 6.62
CA HIS A 326 6.72 24.09 5.99
C HIS A 326 5.97 25.16 6.78
N HIS A 327 6.26 25.38 8.06
CA HIS A 327 5.49 26.33 8.86
C HIS A 327 6.45 27.09 9.76
N TRP A 328 5.87 27.84 10.71
CA TRP A 328 6.55 28.72 11.65
C TRP A 328 7.02 27.93 12.87
N PRO A 329 8.01 28.44 13.59
CA PRO A 329 8.53 27.73 14.75
C PRO A 329 7.62 27.85 15.97
N THR A 330 7.99 27.09 17.01
CA THR A 330 7.41 27.17 18.34
C THR A 330 8.55 27.28 19.34
N TRP A 331 8.40 28.15 20.34
CA TRP A 331 9.54 28.55 21.16
C TRP A 331 9.49 28.12 22.62
N GLY A 332 8.31 27.76 23.15
CA GLY A 332 8.21 27.34 24.53
C GLY A 332 8.39 25.84 24.66
N ASN A 333 9.23 25.42 25.61
CA ASN A 333 9.43 23.99 25.83
C ASN A 333 8.12 23.31 26.18
N ASP A 334 7.40 23.85 27.17
CA ASP A 334 6.07 23.33 27.47
C ASP A 334 5.12 23.54 26.30
N ASN A 335 5.38 24.53 25.45
CA ASN A 335 4.59 24.70 24.23
C ASN A 335 4.99 23.66 23.19
N ILE A 336 6.29 23.36 23.08
CA ILE A 336 6.76 22.42 22.06
C ILE A 336 6.26 21.02 22.36
N VAL A 337 6.43 20.56 23.60
CA VAL A 337 5.96 19.22 23.97
C VAL A 337 4.45 19.13 23.80
N LYS A 338 3.73 20.20 24.14
CA LYS A 338 2.29 20.24 23.90
C LYS A 338 1.99 20.01 22.42
N LEU A 339 2.81 20.58 21.54
CA LEU A 339 2.59 20.44 20.10
C LEU A 339 2.84 19.01 19.64
N LYS A 341 3.05 16.26 21.43
CA LYS A 341 2.13 15.33 22.09
C LYS A 341 0.82 15.22 21.32
N GLY A 342 0.27 16.34 20.88
CA GLY A 342 -0.98 16.31 20.14
C GLY A 342 -0.82 15.71 18.76
N GLN A 343 0.27 16.05 18.07
CA GLN A 343 0.55 15.43 16.77
C GLN A 343 0.76 13.93 16.92
N ARG A 344 1.47 13.51 17.97
CA ARG A 344 1.69 12.09 18.22
C ARG A 344 0.38 11.34 18.41
N ASP A 345 -0.46 11.82 19.33
CA ASP A 345 -1.71 11.14 19.63
C ASP A 345 -2.65 11.13 18.43
N TYR A 347 -2.03 10.91 15.14
CA TYR A 347 -1.75 9.87 14.15
C TYR A 347 -2.03 8.48 14.70
N ARG A 348 -1.78 8.25 16.00
CA ARG A 348 -2.13 6.96 16.58
C ARG A 348 -3.64 6.78 16.63
N TYR A 349 -4.38 7.87 16.88
CA TYR A 349 -5.84 7.78 16.86
C TYR A 349 -6.34 7.39 15.48
N ILE A 350 -5.80 8.01 14.43
CA ILE A 350 -6.17 7.65 13.08
C ILE A 350 -5.88 6.18 12.82
N ASN A 351 -4.74 5.70 13.31
CA ASN A 351 -4.35 4.31 13.07
C ASN A 351 -5.21 3.36 13.90
N ASP A 352 -5.20 3.53 15.22
CA ASP A 352 -5.79 2.52 16.10
C ASP A 352 -7.32 2.50 15.99
N GLN A 353 -7.95 3.68 15.90
CA GLN A 353 -9.40 3.70 15.82
C GLN A 353 -9.92 3.24 14.45
N THR A 354 -9.11 3.35 13.40
CA THR A 354 -9.50 2.77 12.12
C THR A 354 -9.41 1.25 12.17
N LEU A 355 -8.38 0.71 12.79
CA LEU A 355 -8.25 -0.74 12.92
C LEU A 355 -9.32 -1.31 13.84
N ARG A 356 -9.73 -0.57 14.87
CA ARG A 356 -10.78 -1.04 15.76
C ARG A 356 -12.10 -1.22 15.00
N ALA A 358 -12.51 -1.31 11.81
CA ALA A 358 -12.32 -2.27 10.72
C ALA A 358 -12.44 -3.70 11.25
N ASN A 359 -11.90 -3.96 12.43
CA ASN A 359 -12.10 -5.26 13.06
C ASN A 359 -13.55 -5.48 13.48
N LEU A 360 -14.28 -4.41 13.74
CA LEU A 360 -15.70 -4.50 14.05
C LEU A 360 -16.56 -4.74 12.82
N GLY A 361 -15.97 -4.85 11.65
CA GLY A 361 -16.69 -5.20 10.44
C GLY A 361 -17.12 -4.04 9.56
N THR A 363 -16.80 -0.96 6.78
CA THR A 363 -16.08 -0.77 5.54
C THR A 363 -15.36 0.58 5.54
N ARG A 364 -14.62 0.84 4.46
CA ARG A 364 -13.74 2.00 4.40
C ARG A 364 -14.51 3.31 4.55
N ASP A 365 -15.57 3.49 3.75
CA ASP A 365 -16.25 4.77 3.72
C ASP A 365 -17.08 5.00 4.98
N GLU A 366 -17.64 3.96 5.58
CA GLU A 366 -18.44 4.16 6.78
C GLU A 366 -17.59 4.30 8.04
N ILE A 367 -16.33 3.88 7.99
CA ILE A 367 -15.42 4.22 9.08
C ILE A 367 -15.09 5.71 9.04
N ALA A 368 -14.88 6.26 7.85
CA ALA A 368 -14.60 7.69 7.72
C ALA A 368 -15.81 8.53 8.12
N ALA A 369 -17.02 7.97 7.99
CA ALA A 369 -18.22 8.71 8.36
C ALA A 369 -18.41 8.74 9.87
N ASN A 370 -18.29 7.60 10.53
CA ASN A 370 -18.47 7.49 11.97
C ASN A 370 -17.23 7.89 12.77
N PHE A 371 -16.23 8.49 12.13
CA PHE A 371 -14.98 8.82 12.81
C PHE A 371 -15.12 10.15 13.53
N LYS A 372 -15.17 10.10 14.86
CA LYS A 372 -15.25 11.29 15.70
C LYS A 372 -13.91 11.48 16.41
N LEU A 373 -13.33 12.66 16.27
CA LEU A 373 -12.11 12.95 17.00
C LEU A 373 -12.42 13.31 18.45
N PRO A 374 -11.52 12.98 19.38
CA PRO A 374 -11.71 13.44 20.76
C PRO A 374 -11.63 14.96 20.82
N ASP A 375 -12.32 15.52 21.83
CA ASP A 375 -12.50 16.96 21.89
C ASP A 375 -11.18 17.71 21.96
N SER A 376 -10.18 17.14 22.65
CA SER A 376 -8.91 17.84 22.80
C SER A 376 -8.11 17.86 21.49
N LEU A 377 -8.30 16.87 20.63
CA LEU A 377 -7.58 16.85 19.36
C LEU A 377 -8.30 17.70 18.31
N GLU A 378 -9.63 17.63 18.26
CA GLU A 378 -10.38 18.40 17.28
C GLU A 378 -10.14 19.89 17.42
N LYS A 379 -9.91 20.38 18.64
CA LYS A 379 -9.72 21.80 18.87
C LYS A 379 -8.30 22.27 18.57
N GLN A 380 -7.36 21.36 18.30
CA GLN A 380 -5.99 21.75 18.00
C GLN A 380 -5.89 22.30 16.59
N TRP A 381 -5.34 23.51 16.46
CA TRP A 381 -5.15 24.11 15.14
C TRP A 381 -4.15 23.33 14.31
N SER A 382 -3.10 22.79 14.95
CA SER A 382 -2.00 22.17 14.23
C SER A 382 -2.38 20.86 13.55
N SER A 383 -3.56 20.32 13.82
CA SER A 383 -3.98 19.06 13.23
C SER A 383 -5.19 19.19 12.32
N ARG A 384 -5.60 20.41 11.99
CA ARG A 384 -6.69 20.59 11.04
C ARG A 384 -6.23 20.18 9.65
N GLY A 385 -7.11 19.51 8.91
CA GLY A 385 -6.76 19.01 7.60
C GLY A 385 -6.71 20.09 6.54
N TYR A 386 -5.65 20.90 6.54
CA TYR A 386 -5.47 21.89 5.49
C TYR A 386 -4.80 21.28 4.26
N TYR A 387 -3.86 20.37 4.48
CA TYR A 387 -3.17 19.66 3.41
C TYR A 387 -3.69 18.23 3.30
N GLY A 388 -3.46 17.41 4.32
CA GLY A 388 -4.14 16.14 4.42
C GLY A 388 -5.58 16.34 4.87
N SER A 389 -6.19 15.24 5.28
CA SER A 389 -7.58 15.28 5.73
C SER A 389 -7.86 14.05 6.57
N VAL A 390 -8.54 14.25 7.70
CA VAL A 390 -8.92 13.13 8.55
C VAL A 390 -9.79 12.14 7.79
N SER A 391 -10.54 12.62 6.80
CA SER A 391 -11.43 11.74 6.05
C SER A 391 -10.63 10.79 5.17
N HIS A 392 -9.79 11.32 4.28
CA HIS A 392 -9.07 10.45 3.35
C HIS A 392 -7.83 9.83 3.94
N ASP A 393 -7.38 10.27 5.13
CA ASP A 393 -6.31 9.54 5.81
C ASP A 393 -6.86 8.29 6.49
N VAL A 394 -8.08 8.37 7.03
CA VAL A 394 -8.73 7.18 7.58
C VAL A 394 -9.02 6.18 6.48
N LYS A 395 -9.53 6.65 5.34
CA LYS A 395 -9.74 5.75 4.20
C LYS A 395 -8.42 5.14 3.74
N ALA A 396 -7.35 5.93 3.72
CA ALA A 396 -6.05 5.41 3.32
C ALA A 396 -5.49 4.42 4.34
N THR A 397 -5.79 4.63 5.63
CA THR A 397 -5.34 3.69 6.65
C THR A 397 -6.05 2.34 6.50
N TYR A 398 -7.33 2.35 6.15
CA TYR A 398 -8.04 1.10 5.89
C TYR A 398 -7.41 0.34 4.72
N VAL A 399 -7.14 1.05 3.62
CA VAL A 399 -6.51 0.43 2.47
C VAL A 399 -5.06 0.07 2.74
N PHE A 400 -4.48 0.57 3.82
CA PHE A 400 -3.12 0.17 4.18
C PHE A 400 -3.09 -1.25 4.75
N TYR A 401 -4.04 -1.57 5.64
CA TYR A 401 -4.07 -2.87 6.30
C TYR A 401 -4.87 -3.89 5.51
N LEU A 402 -6.08 -3.52 5.07
CA LEU A 402 -6.86 -4.32 4.16
C LEU A 402 -6.71 -3.79 2.75
N GLY A 403 -7.16 -4.56 1.77
CA GLY A 403 -6.99 -4.20 0.38
C GLY A 403 -7.94 -3.09 -0.05
N TRP A 404 -8.00 -2.88 -1.37
CA TRP A 404 -9.04 -2.04 -1.96
C TRP A 404 -10.42 -2.66 -1.82
N PHE A 405 -10.50 -3.94 -1.46
CA PHE A 405 -11.72 -4.71 -1.47
C PHE A 405 -12.31 -4.72 -0.07
N ASP A 406 -13.58 -4.30 0.06
CA ASP A 406 -14.22 -4.22 1.36
C ASP A 406 -14.69 -5.56 1.88
N GLY A 407 -14.59 -6.62 1.09
CA GLY A 407 -15.00 -7.95 1.47
C GLY A 407 -16.36 -8.35 0.95
N ASN A 408 -17.23 -7.39 0.66
CA ASN A 408 -18.57 -7.69 0.14
C ASN A 408 -18.48 -8.20 -1.29
N PRO A 409 -18.90 -9.44 -1.57
CA PRO A 409 -18.77 -9.97 -2.93
C PRO A 409 -19.52 -9.17 -3.98
N ALA A 410 -20.52 -8.37 -3.59
CA ALA A 410 -21.26 -7.56 -4.54
C ALA A 410 -20.44 -6.38 -5.06
N THR A 411 -19.26 -6.14 -4.51
CA THR A 411 -18.37 -5.09 -4.97
C THR A 411 -17.09 -5.64 -5.59
N LEU A 412 -16.95 -6.96 -5.67
CA LEU A 412 -15.72 -7.56 -6.17
C LEU A 412 -15.49 -7.21 -7.64
N ASP A 413 -16.50 -7.43 -8.49
CA ASP A 413 -16.41 -7.18 -9.91
C ASP A 413 -17.52 -6.23 -10.32
N GLU A 414 -17.45 -4.99 -9.83
CA GLU A 414 -18.43 -3.99 -10.20
C GLU A 414 -18.21 -3.52 -11.63
N LEU A 415 -19.23 -2.88 -12.19
CA LEU A 415 -19.14 -2.35 -13.54
C LEU A 415 -18.21 -1.14 -13.56
N PRO A 416 -17.48 -0.94 -14.66
CA PRO A 416 -16.62 0.25 -14.77
C PRO A 416 -17.45 1.51 -14.77
N PRO A 417 -16.83 2.67 -14.48
CA PRO A 417 -17.62 3.90 -14.28
C PRO A 417 -18.57 4.24 -15.42
N GLU A 418 -18.16 4.03 -16.66
CA GLU A 418 -19.01 4.38 -17.79
C GLU A 418 -20.11 3.35 -18.00
N GLN A 419 -19.80 2.06 -17.81
CA GLN A 419 -20.84 1.03 -17.90
C GLN A 419 -21.87 1.19 -16.79
N ALA A 420 -21.40 1.40 -15.56
CA ALA A 420 -22.32 1.51 -14.43
C ALA A 420 -23.19 2.74 -14.53
N ALA A 421 -22.64 3.84 -15.03
CA ALA A 421 -23.41 5.09 -15.11
C ALA A 421 -24.64 4.92 -15.99
N LYS A 422 -24.47 4.34 -17.18
CA LYS A 422 -25.60 4.11 -18.07
C LYS A 422 -26.64 3.21 -17.41
N LYS A 423 -26.20 2.18 -16.69
CA LYS A 423 -27.14 1.32 -15.97
C LYS A 423 -27.77 2.05 -14.79
N PHE A 424 -27.05 2.99 -14.18
CA PHE A 424 -27.64 3.78 -13.09
C PHE A 424 -28.72 4.70 -13.62
N VAL A 425 -28.44 5.40 -14.72
CA VAL A 425 -29.42 6.32 -15.30
C VAL A 425 -30.67 5.57 -15.73
N GLU A 426 -30.49 4.37 -16.28
CA GLU A 426 -31.63 3.55 -16.69
C GLU A 426 -32.53 3.22 -15.51
N TYR A 427 -31.93 2.75 -14.41
CA TYR A 427 -32.71 2.37 -13.24
C TYR A 427 -33.35 3.57 -12.53
N GLY A 429 -34.65 6.13 -14.26
CA GLY A 429 -35.65 6.66 -15.16
C GLY A 429 -35.20 7.75 -16.09
N GLY A 430 -33.93 7.77 -16.47
CA GLY A 430 -33.42 8.77 -17.38
C GLY A 430 -32.85 9.99 -16.67
N ALA A 431 -32.27 10.88 -17.48
CA ALA A 431 -31.63 12.07 -16.92
C ALA A 431 -32.65 13.02 -16.32
N ASP A 432 -33.74 13.29 -17.05
CA ASP A 432 -34.73 14.26 -16.58
C ASP A 432 -35.32 13.86 -15.23
N ALA A 433 -35.56 12.56 -15.04
CA ALA A 433 -36.08 12.09 -13.75
C ALA A 433 -35.08 12.34 -12.63
N ILE A 434 -33.79 12.09 -12.89
CA ILE A 434 -32.76 12.34 -11.90
C ILE A 434 -32.64 13.83 -11.62
N GLN A 436 -34.89 16.10 -11.83
CA GLN A 436 -36.02 16.57 -11.04
C GLN A 436 -35.80 16.34 -9.55
N LYS A 437 -35.11 15.25 -9.19
CA LYS A 437 -34.86 14.95 -7.78
C LYS A 437 -33.56 15.57 -7.28
N ALA A 438 -32.56 15.73 -8.16
CA ALA A 438 -31.31 16.37 -7.75
C ALA A 438 -31.52 17.85 -7.47
N LYS A 439 -32.34 18.52 -8.30
CA LYS A 439 -32.63 19.93 -8.07
C LYS A 439 -33.29 20.15 -6.72
N ALA A 440 -34.06 19.17 -6.24
CA ALA A 440 -34.68 19.28 -4.92
C ALA A 440 -33.69 18.96 -3.80
N ASP A 441 -32.71 18.10 -4.07
CA ASP A 441 -31.66 17.84 -3.08
C ASP A 441 -30.62 18.95 -3.04
N TYR A 442 -30.52 19.76 -4.10
CA TYR A 442 -29.60 20.89 -4.07
C TYR A 442 -30.14 22.02 -3.20
N GLN A 443 -31.46 22.16 -3.11
CA GLN A 443 -32.04 23.17 -2.23
C GLN A 443 -31.75 22.88 -0.77
N GLN A 444 -31.83 21.60 -0.37
CA GLN A 444 -31.56 21.22 1.00
C GLN A 444 -30.08 21.27 1.35
N GLY A 445 -29.22 21.50 0.36
CA GLY A 445 -27.79 21.55 0.61
C GLY A 445 -27.08 20.22 0.58
N ASN A 446 -27.70 19.18 0.03
CA ASN A 446 -27.10 17.85 -0.03
C ASN A 446 -26.19 17.73 -1.27
N TYR A 447 -25.17 18.59 -1.29
CA TYR A 447 -24.34 18.70 -2.49
C TYR A 447 -23.50 17.44 -2.73
N ARG A 448 -23.12 16.73 -1.66
CA ARG A 448 -22.40 15.48 -1.83
C ARG A 448 -23.21 14.48 -2.64
N TRP A 449 -24.49 14.33 -2.30
CA TRP A 449 -25.34 13.38 -3.02
C TRP A 449 -25.73 13.93 -4.38
N VAL A 450 -25.95 15.24 -4.49
CA VAL A 450 -26.28 15.84 -5.79
C VAL A 450 -25.13 15.64 -6.76
N ALA A 451 -23.90 15.86 -6.30
CA ALA A 451 -22.73 15.65 -7.17
C ALA A 451 -22.61 14.20 -7.60
N GLN A 452 -23.08 13.27 -6.76
CA GLN A 452 -22.89 11.85 -7.02
C GLN A 452 -23.82 11.34 -8.13
N VAL A 453 -25.13 11.61 -8.01
CA VAL A 453 -26.07 11.11 -9.02
C VAL A 453 -25.89 11.86 -10.33
N THR A 454 -25.63 13.17 -10.27
CA THR A 454 -25.45 13.93 -11.48
C THR A 454 -24.25 13.44 -12.28
N SER A 455 -23.21 12.96 -11.58
CA SER A 455 -22.06 12.39 -12.26
C SER A 455 -22.45 11.15 -13.06
N LYS A 456 -23.46 10.41 -12.60
CA LYS A 456 -23.93 9.24 -13.33
C LYS A 456 -24.50 9.65 -14.69
N ILE A 457 -25.22 10.77 -14.73
CA ILE A 457 -25.71 11.29 -16.01
C ILE A 457 -24.54 11.75 -16.87
N VAL A 458 -23.55 12.40 -16.25
CA VAL A 458 -22.41 12.91 -17.01
C VAL A 458 -21.58 11.78 -17.58
N PHE A 459 -21.38 10.71 -16.80
CA PHE A 459 -20.60 9.57 -17.28
C PHE A 459 -21.39 8.70 -18.24
N ALA A 460 -22.72 8.77 -18.22
CA ALA A 460 -23.54 8.09 -19.21
C ALA A 460 -23.80 8.94 -20.44
N ASP A 461 -23.51 10.23 -20.39
CA ASP A 461 -23.78 11.17 -21.47
C ASP A 461 -22.95 12.43 -21.24
N PRO A 462 -21.70 12.46 -21.69
CA PRO A 462 -20.88 13.67 -21.50
C PRO A 462 -21.39 14.89 -22.24
N ASP A 463 -22.42 14.74 -23.07
CA ASP A 463 -22.98 15.85 -23.84
C ASP A 463 -24.16 16.52 -23.14
N ASN A 464 -24.52 16.07 -21.94
CA ASN A 464 -25.62 16.65 -21.17
C ASN A 464 -25.05 17.82 -20.37
N GLN A 465 -25.16 19.03 -20.91
CA GLN A 465 -24.60 20.20 -20.25
C GLN A 465 -25.47 20.70 -19.10
N GLN A 466 -26.76 20.37 -19.09
CA GLN A 466 -27.59 20.70 -17.92
C GLN A 466 -27.16 19.91 -16.69
N ALA A 467 -26.71 18.67 -16.88
CA ALA A 467 -26.20 17.90 -15.76
C ALA A 467 -24.84 18.38 -15.32
N ARG A 468 -23.91 18.55 -16.28
CA ARG A 468 -22.56 19.02 -15.96
C ARG A 468 -22.60 20.32 -15.18
N ASP A 469 -23.56 21.19 -15.50
CA ASP A 469 -23.66 22.46 -14.77
C ASP A 469 -24.23 22.26 -13.37
N LEU A 470 -25.15 21.31 -13.20
CA LEU A 470 -25.68 21.04 -11.88
C LEU A 470 -24.66 20.30 -11.00
N GLU A 471 -23.85 19.43 -11.60
CA GLU A 471 -22.78 18.79 -10.84
C GLU A 471 -21.72 19.81 -10.45
N ALA A 472 -21.40 20.73 -11.36
CA ALA A 472 -20.43 21.79 -11.04
C ALA A 472 -20.95 22.68 -9.91
N ASP A 473 -22.25 22.98 -9.92
CA ASP A 473 -22.82 23.79 -8.85
C ASP A 473 -22.70 23.09 -7.51
N ALA A 474 -22.97 21.79 -7.46
CA ALA A 474 -22.81 21.04 -6.22
C ALA A 474 -21.33 20.88 -5.87
N LEU A 475 -20.48 20.68 -6.88
CA LEU A 475 -19.05 20.61 -6.64
C LEU A 475 -18.50 21.92 -6.12
N GLU A 476 -19.06 23.05 -6.55
CA GLU A 476 -18.56 24.35 -6.12
C GLU A 476 -18.87 24.60 -4.65
N GLN A 477 -20.10 24.31 -4.22
CA GLN A 477 -20.45 24.50 -2.82
C GLN A 477 -19.62 23.60 -1.91
N LEU A 478 -19.38 22.37 -2.33
CA LEU A 478 -18.49 21.48 -1.57
C LEU A 478 -17.08 22.04 -1.51
N GLY A 479 -16.66 22.76 -2.55
CA GLY A 479 -15.38 23.44 -2.49
C GLY A 479 -15.39 24.66 -1.60
N TYR A 480 -16.52 25.37 -1.56
CA TYR A 480 -16.65 26.53 -0.68
C TYR A 480 -16.60 26.13 0.79
N GLN A 481 -17.07 24.93 1.11
CA GLN A 481 -17.04 24.44 2.49
C GLN A 481 -15.76 23.69 2.82
N ALA A 482 -14.92 23.41 1.83
CA ALA A 482 -13.76 22.53 2.02
C ALA A 482 -12.71 23.22 2.88
N GLU A 483 -12.27 22.52 3.93
CA GLU A 483 -11.26 23.10 4.81
C GLU A 483 -9.84 22.84 4.29
N ALA A 484 -9.67 21.79 3.50
CA ALA A 484 -8.38 21.47 2.90
C ALA A 484 -8.18 22.25 1.61
N GLY A 485 -7.06 22.97 1.52
CA GLY A 485 -6.72 23.62 0.28
C GLY A 485 -6.64 22.65 -0.88
N THR A 486 -6.21 21.41 -0.60
CA THR A 486 -6.19 20.37 -1.63
C THR A 486 -7.60 19.98 -2.03
N TRP A 487 -8.48 19.76 -1.04
CA TRP A 487 -9.87 19.40 -1.35
C TRP A 487 -10.57 20.53 -2.09
N ARG A 488 -10.34 21.78 -1.67
CA ARG A 488 -10.99 22.90 -2.32
C ARG A 488 -10.54 23.03 -3.78
N ASN A 489 -9.24 22.89 -4.03
CA ASN A 489 -8.74 23.00 -5.39
C ASN A 489 -9.30 21.89 -6.28
N PHE A 490 -9.39 20.66 -5.75
CA PHE A 490 -9.97 19.57 -6.52
C PHE A 490 -11.43 19.83 -6.85
N TYR A 491 -12.19 20.36 -5.88
CA TYR A 491 -13.61 20.58 -6.09
C TYR A 491 -13.87 21.69 -7.11
N LEU A 492 -13.14 22.80 -7.01
CA LEU A 492 -13.41 23.93 -7.89
C LEU A 492 -12.91 23.69 -9.30
N THR A 493 -11.80 22.94 -9.44
CA THR A 493 -11.32 22.62 -10.78
C THR A 493 -12.27 21.67 -11.50
N GLY A 494 -12.82 20.69 -10.77
CA GLY A 494 -13.84 19.83 -11.36
C GLY A 494 -15.06 20.62 -11.79
N ALA A 495 -15.45 21.61 -10.99
CA ALA A 495 -16.54 22.49 -11.40
C ALA A 495 -16.15 23.34 -12.60
N GLN A 496 -14.86 23.66 -12.75
CA GLN A 496 -14.42 24.47 -13.88
C GLN A 496 -14.46 23.67 -15.18
N GLU A 497 -13.87 22.48 -15.19
CA GLU A 497 -13.85 21.65 -16.38
C GLU A 497 -15.18 20.97 -16.66
N LEU A 498 -16.15 21.10 -15.75
CA LEU A 498 -17.50 20.59 -15.98
C LEU A 498 -18.35 21.58 -16.77
N ARG A 499 -18.18 22.87 -16.50
CA ARG A 499 -18.87 23.93 -17.22
C ARG A 499 -18.19 24.33 -18.52
N ASN A 500 -16.86 24.26 -18.56
CA ASN A 500 -16.08 24.79 -19.67
C ASN A 500 -15.36 23.73 -20.48
N GLY A 501 -14.90 22.66 -19.85
CA GLY A 501 -14.11 21.64 -20.51
C GLY A 501 -12.63 21.76 -20.20
N VAL A 502 -11.89 20.72 -20.56
CA VAL A 502 -10.46 20.69 -20.29
C VAL A 502 -9.75 21.68 -21.20
N GLN A 503 -8.80 22.42 -20.64
CA GLN A 503 -8.06 23.45 -21.36
C GLN A 503 -6.63 22.99 -21.58
N LYS A 504 -6.18 23.04 -22.84
CA LYS A 504 -4.84 22.58 -23.19
C LYS A 504 -3.83 23.70 -22.93
N LEU A 505 -3.47 23.85 -21.67
CA LEU A 505 -2.45 24.79 -21.25
C LEU A 505 -1.07 24.23 -21.53
N PRO A 506 -0.01 25.02 -21.40
CA PRO A 506 1.35 24.46 -21.50
C PRO A 506 1.58 23.42 -20.43
N THR A 507 2.47 22.47 -20.74
CA THR A 507 2.83 21.37 -19.84
C THR A 507 4.27 21.59 -19.40
N PRO A 508 4.51 22.24 -18.24
CA PRO A 508 5.87 22.64 -17.82
C PRO A 508 6.97 21.61 -18.06
N ASN A 509 7.31 21.39 -19.34
CA ASN A 509 8.36 20.49 -19.78
C ASN A 509 8.29 19.14 -19.09
N THR A 510 9.45 18.54 -18.80
CA THR A 510 9.50 17.21 -18.21
C THR A 510 10.64 17.11 -17.20
N ALA A 511 11.39 16.03 -17.23
CA ALA A 511 12.47 15.81 -16.27
C ALA A 511 13.65 16.71 -16.58
N SER A 512 14.29 17.21 -15.52
CA SER A 512 15.45 18.09 -15.64
C SER A 512 16.71 17.28 -15.87
N PRO A 513 17.77 17.90 -16.41
CA PRO A 513 19.00 17.14 -16.69
C PRO A 513 19.64 16.52 -15.46
N ASP A 514 19.41 17.08 -14.28
CA ASP A 514 20.02 16.51 -13.07
C ASP A 514 19.26 15.30 -12.55
N THR A 515 17.94 15.26 -12.74
CA THR A 515 17.17 14.09 -12.31
C THR A 515 17.34 12.91 -13.26
N VAL A 516 17.51 13.19 -14.56
CA VAL A 516 17.79 12.13 -15.51
C VAL A 516 19.21 11.59 -15.31
N ARG A 517 20.14 12.47 -14.93
CA ARG A 517 21.49 12.02 -14.61
C ARG A 517 21.49 11.08 -13.41
N ALA A 518 20.70 11.42 -12.38
CA ALA A 518 20.60 10.57 -11.21
C ALA A 518 19.80 9.30 -11.47
N THR A 520 18.57 5.78 -12.66
CA THR A 520 19.38 4.58 -12.81
C THR A 520 18.99 3.82 -14.08
N PRO A 521 19.90 3.02 -14.66
CA PRO A 521 19.54 2.29 -15.89
C PRO A 521 18.34 1.38 -15.72
N GLU A 522 18.21 0.71 -14.57
CA GLU A 522 17.06 -0.15 -14.34
C GLU A 522 15.75 0.64 -14.41
N PHE A 524 15.22 3.48 -16.15
CA PHE A 524 14.97 3.80 -17.56
C PHE A 524 14.41 2.59 -18.30
N PHE A 525 14.93 1.40 -18.02
CA PHE A 525 14.40 0.20 -18.65
C PHE A 525 12.99 -0.11 -18.16
N ASP A 526 12.75 0.05 -16.85
CA ASP A 526 11.38 -0.04 -16.34
C ASP A 526 10.51 1.04 -16.97
N TYR A 527 11.05 2.24 -17.16
CA TYR A 527 10.31 3.32 -17.78
C TYR A 527 9.89 2.96 -19.20
N LEU A 528 10.79 2.32 -19.95
CA LEU A 528 10.45 1.90 -21.31
C LEU A 528 9.34 0.88 -21.32
N GLY A 529 9.38 -0.09 -20.40
CA GLY A 529 8.38 -1.14 -20.37
C GLY A 529 6.97 -0.62 -20.13
N VAL A 530 6.85 0.52 -19.44
CA VAL A 530 5.53 1.10 -19.20
C VAL A 530 4.93 1.63 -20.50
N HIS A 531 5.76 2.08 -21.44
CA HIS A 531 5.25 2.63 -22.68
C HIS A 531 4.95 1.55 -23.73
N ILE A 532 5.44 0.33 -23.54
CA ILE A 532 5.16 -0.75 -24.47
C ILE A 532 3.66 -1.02 -24.48
N ASN A 533 3.06 -0.97 -25.67
CA ASN A 533 1.65 -1.34 -25.84
C ASN A 533 1.55 -2.86 -25.82
N GLY A 534 1.02 -3.40 -24.73
CA GLY A 534 0.98 -4.86 -24.57
C GLY A 534 0.14 -5.54 -25.63
N GLU A 535 -0.89 -4.86 -26.16
CA GLU A 535 -1.72 -5.46 -27.18
C GLU A 535 -0.97 -5.60 -28.50
N LYS A 536 -0.29 -4.53 -28.93
CA LYS A 536 0.40 -4.56 -30.22
C LYS A 536 1.66 -5.43 -30.16
N ALA A 537 2.37 -5.40 -29.03
CA ALA A 537 3.62 -6.13 -28.88
C ALA A 537 3.45 -7.52 -28.28
N GLY A 538 2.21 -7.98 -28.07
CA GLY A 538 1.99 -9.22 -27.35
C GLY A 538 2.51 -10.44 -28.09
N ALA A 539 2.63 -10.35 -29.41
CA ALA A 539 3.10 -11.47 -30.21
C ALA A 539 4.56 -11.33 -30.65
N ALA A 540 5.15 -10.15 -30.49
CA ALA A 540 6.51 -9.94 -30.95
C ALA A 540 7.52 -10.54 -29.97
N LYS A 541 8.70 -10.87 -30.51
CA LYS A 541 9.83 -11.30 -29.70
C LYS A 541 11.09 -10.62 -30.21
N ALA A 542 11.88 -10.07 -29.29
CA ALA A 542 13.10 -9.37 -29.66
C ALA A 542 14.02 -9.34 -28.46
N VAL A 543 15.30 -9.66 -28.67
CA VAL A 543 16.31 -9.66 -27.63
C VAL A 543 17.41 -8.69 -28.04
N PHE A 544 17.80 -7.81 -27.12
CA PHE A 544 18.83 -6.82 -27.38
C PHE A 544 19.86 -6.83 -26.25
N ASN A 545 21.07 -6.42 -26.59
CA ASN A 545 22.16 -6.26 -25.63
C ASN A 545 22.54 -4.78 -25.55
N ILE A 546 22.63 -4.26 -24.33
CA ILE A 546 22.97 -2.86 -24.09
C ILE A 546 24.27 -2.83 -23.31
N ASP A 547 25.24 -2.05 -23.80
CA ASP A 547 26.52 -1.85 -23.13
C ASP A 547 26.71 -0.36 -22.90
N LEU A 548 26.64 0.06 -21.64
CA LEU A 548 26.80 1.47 -21.27
C LEU A 548 28.23 1.80 -20.86
N GLY A 549 29.16 0.86 -20.99
CA GLY A 549 30.55 1.14 -20.71
C GLY A 549 30.88 1.12 -19.21
N LYS A 550 31.88 1.91 -18.85
CA LYS A 550 32.35 1.98 -17.47
C LYS A 550 31.40 2.74 -16.56
N ASP A 551 30.31 3.28 -17.08
CA ASP A 551 29.31 4.01 -16.29
C ASP A 551 27.93 3.47 -16.64
N GLY A 552 27.65 2.25 -16.19
CA GLY A 552 26.37 1.62 -16.47
C GLY A 552 26.44 0.11 -16.51
N GLY A 553 27.30 -0.42 -17.38
CA GLY A 553 27.47 -1.84 -17.51
C GLY A 553 26.68 -2.43 -18.67
N LYS A 554 26.62 -3.76 -18.68
CA LYS A 554 25.93 -4.50 -19.73
C LYS A 554 24.55 -4.94 -19.25
N TYR A 555 23.59 -4.91 -20.17
CA TYR A 555 22.21 -5.27 -19.87
C TYR A 555 21.65 -6.13 -21.00
N LYS A 556 20.88 -7.15 -20.64
CA LYS A 556 20.21 -8.02 -21.58
C LYS A 556 18.72 -7.69 -21.55
N LEU A 557 18.21 -7.16 -22.66
CA LEU A 557 16.81 -6.78 -22.78
C LEU A 557 16.06 -7.85 -23.55
N GLU A 558 14.94 -8.30 -23.00
CA GLU A 558 14.12 -9.34 -23.61
C GLU A 558 12.69 -8.82 -23.76
N LEU A 559 12.25 -8.65 -25.01
CA LEU A 559 10.87 -8.30 -25.32
C LEU A 559 10.11 -9.55 -25.72
N GLU A 560 9.10 -9.91 -24.92
CA GLU A 560 8.27 -11.07 -25.22
C GLU A 560 7.01 -10.98 -24.38
N ASN A 561 5.93 -11.56 -24.91
CA ASN A 561 4.61 -11.53 -24.26
C ASN A 561 4.13 -10.10 -24.03
N GLY A 562 4.51 -9.17 -24.90
CA GLY A 562 4.19 -7.77 -24.68
C GLY A 562 4.84 -7.19 -23.46
N VAL A 563 6.05 -7.62 -23.14
CA VAL A 563 6.73 -7.30 -21.89
C VAL A 563 8.20 -7.06 -22.18
N LEU A 564 8.78 -6.06 -21.52
CA LEU A 564 10.19 -5.71 -21.69
C LEU A 564 10.94 -6.00 -20.39
N ASN A 565 11.59 -7.16 -20.33
CA ASN A 565 12.44 -7.51 -19.20
C ASN A 565 13.84 -6.96 -19.41
N HIS A 566 14.55 -6.75 -18.30
CA HIS A 566 15.94 -6.35 -18.34
C HIS A 566 16.71 -7.09 -17.26
N THR A 567 17.95 -7.46 -17.57
CA THR A 567 18.81 -8.20 -16.65
C THR A 567 20.20 -7.61 -16.68
N ALA A 568 20.72 -7.28 -15.51
CA ALA A 568 22.03 -6.64 -15.41
C ALA A 568 23.15 -7.66 -15.47
N ASN A 569 24.31 -7.20 -15.97
CA ASN A 569 25.51 -8.03 -16.06
C ASN A 569 25.24 -9.31 -16.87
N ALA A 570 24.51 -9.17 -17.96
CA ALA A 570 24.12 -10.31 -18.79
C ALA A 570 24.29 -9.95 -20.26
N VAL A 571 24.70 -10.94 -21.04
CA VAL A 571 24.86 -10.82 -22.49
C VAL A 571 24.16 -12.00 -23.15
N ALA A 572 23.26 -11.72 -24.07
CA ALA A 572 22.51 -12.76 -24.78
C ALA A 572 23.22 -13.07 -26.09
N ASP A 573 23.63 -14.34 -26.25
CA ASP A 573 24.27 -14.75 -27.50
C ASP A 573 23.30 -14.67 -28.67
N ASN A 574 22.00 -14.78 -28.41
CA ASN A 574 20.97 -14.74 -29.44
C ASN A 574 20.34 -13.36 -29.57
N ALA A 575 21.08 -12.31 -29.22
CA ALA A 575 20.54 -10.95 -29.32
C ALA A 575 20.35 -10.56 -30.77
N ASP A 576 19.16 -10.04 -31.10
CA ASP A 576 18.90 -9.57 -32.45
C ASP A 576 19.81 -8.42 -32.83
N ALA A 577 20.26 -7.64 -31.85
CA ALA A 577 21.17 -6.53 -32.09
C ALA A 577 21.83 -6.16 -30.78
N SER A 578 23.10 -5.74 -30.87
CA SER A 578 23.87 -5.29 -29.72
C SER A 578 24.15 -3.80 -29.85
N ILE A 579 23.78 -3.03 -28.84
CA ILE A 579 23.89 -1.58 -28.86
C ILE A 579 24.91 -1.17 -27.81
N SER A 580 25.84 -0.28 -28.19
CA SER A 580 26.89 0.19 -27.30
C SER A 580 26.95 1.71 -27.38
N LEU A 581 26.55 2.36 -26.28
CA LEU A 581 26.60 3.82 -26.19
C LEU A 581 27.01 4.21 -24.78
N SER A 582 27.44 5.45 -24.62
CA SER A 582 27.83 5.95 -23.32
C SER A 582 26.60 6.50 -22.59
N ARG A 583 26.73 6.60 -21.26
CA ARG A 583 25.61 7.08 -20.44
C ARG A 583 25.30 8.54 -20.75
N ASP A 584 26.32 9.34 -21.03
CA ASP A 584 26.09 10.72 -21.45
C ASP A 584 25.25 10.78 -22.72
N THR A 585 25.51 9.88 -23.67
CA THR A 585 24.70 9.83 -24.88
C THR A 585 23.29 9.33 -24.58
N LEU A 586 23.14 8.41 -23.63
CA LEU A 586 21.81 7.96 -23.25
C LEU A 586 21.05 9.06 -22.52
N ASN A 587 21.76 9.87 -21.73
CA ASN A 587 21.10 10.93 -20.98
C ASN A 587 20.47 11.96 -21.91
N LYS A 588 21.25 12.50 -22.85
CA LYS A 588 20.72 13.51 -23.74
C LYS A 588 19.67 12.96 -24.70
N ILE A 589 19.63 11.64 -24.90
CA ILE A 589 18.53 11.03 -25.64
C ILE A 589 17.28 11.01 -24.77
N ILE A 590 17.44 10.75 -23.48
CA ILE A 590 16.29 10.77 -22.57
C ILE A 590 15.75 12.19 -22.44
N LEU A 591 16.64 13.19 -22.49
CA LEU A 591 16.27 14.59 -22.31
C LEU A 591 15.61 15.11 -23.58
N LYS A 592 15.45 14.23 -24.56
CA LYS A 592 14.86 14.57 -25.85
C LYS A 592 15.76 15.58 -26.54
N GLN A 593 16.95 15.81 -25.97
CA GLN A 593 17.90 16.73 -26.57
C GLN A 593 18.46 16.16 -27.87
N GLU A 594 18.53 14.83 -27.98
CA GLU A 594 19.04 14.15 -29.15
C GLU A 594 18.15 12.95 -29.44
N THR A 595 18.05 12.59 -30.72
CA THR A 595 17.33 11.40 -31.13
C THR A 595 18.29 10.25 -31.32
N LEU A 596 17.76 9.02 -31.24
CA LEU A 596 18.57 7.83 -31.48
C LEU A 596 19.07 7.78 -32.91
N LYS A 597 18.27 8.30 -33.86
CA LYS A 597 18.68 8.28 -35.26
C LYS A 597 19.92 9.12 -35.50
N GLN A 598 20.04 10.25 -34.81
CA GLN A 598 21.19 11.13 -35.01
C GLN A 598 22.43 10.59 -34.31
N ALA A 599 22.27 10.18 -33.04
CA ALA A 599 23.41 9.66 -32.28
C ALA A 599 24.05 8.46 -32.96
N GLU A 600 23.24 7.65 -33.65
CA GLU A 600 23.78 6.53 -34.41
C GLU A 600 24.49 7.01 -35.66
N ALA A 601 23.93 8.00 -36.35
CA ALA A 601 24.55 8.51 -37.56
C ALA A 601 25.84 9.27 -37.28
N GLN A 602 25.95 9.88 -36.10
CA GLN A 602 27.15 10.64 -35.74
C GLN A 602 28.24 9.77 -35.14
N GLY A 603 28.00 8.46 -34.99
CA GLY A 603 28.96 7.57 -34.37
C GLY A 603 28.88 7.50 -32.86
N LYS A 604 27.92 8.17 -32.24
CA LYS A 604 27.74 8.11 -30.79
C LYS A 604 27.08 6.82 -30.33
N VAL A 605 26.48 6.07 -31.25
CA VAL A 605 25.80 4.82 -30.94
C VAL A 605 26.13 3.82 -32.03
N LYS A 606 26.71 2.67 -31.66
CA LYS A 606 26.95 1.59 -32.60
C LYS A 606 25.90 0.51 -32.39
N ILE A 607 25.19 0.16 -33.46
CA ILE A 607 24.13 -0.83 -33.42
C ILE A 607 24.57 -1.98 -34.32
N SER A 608 25.11 -3.03 -33.71
CA SER A 608 25.64 -4.19 -34.42
C SER A 608 24.58 -5.29 -34.44
N GLY A 609 24.06 -5.59 -35.62
CA GLY A 609 23.10 -6.65 -35.80
C GLY A 609 21.88 -6.17 -36.56
N ASN A 610 20.76 -6.85 -36.35
CA ASN A 610 19.51 -6.57 -37.06
C ASN A 610 18.87 -5.32 -36.45
N GLY A 611 19.23 -4.16 -37.00
CA GLY A 611 18.67 -2.90 -36.53
C GLY A 611 17.19 -2.74 -36.77
N ALA A 612 16.63 -3.52 -37.70
CA ALA A 612 15.18 -3.46 -37.94
C ALA A 612 14.39 -3.92 -36.72
N LYS A 613 14.94 -4.87 -35.95
CA LYS A 613 14.24 -5.34 -34.75
C LYS A 613 14.13 -4.24 -33.71
N LEU A 614 15.19 -3.44 -33.54
CA LEU A 614 15.14 -2.36 -32.56
C LEU A 614 14.09 -1.32 -32.94
N ASP A 615 14.02 -0.96 -34.22
CA ASP A 615 12.98 -0.05 -34.67
C ASP A 615 11.59 -0.65 -34.48
N GLU A 616 11.47 -1.97 -34.58
CA GLU A 616 10.17 -2.61 -34.39
C GLU A 616 9.68 -2.48 -32.95
N LEU A 618 10.55 -0.11 -30.76
CA LEU A 618 10.27 1.29 -30.50
C LEU A 618 8.96 1.75 -31.11
N SER A 619 8.44 1.03 -32.11
CA SER A 619 7.13 1.36 -32.68
C SER A 619 5.98 0.83 -31.84
N TYR A 620 6.25 -0.07 -30.90
CA TYR A 620 5.24 -0.56 -29.98
C TYR A 620 5.02 0.36 -28.79
N ASP A 622 3.88 3.67 -26.73
CA ASP A 622 2.91 4.75 -26.76
C ASP A 622 3.52 6.03 -26.18
N THR A 623 2.79 7.12 -26.34
CA THR A 623 3.09 8.39 -25.71
C THR A 623 1.92 8.79 -24.82
N PHE A 624 2.23 9.41 -23.69
CA PHE A 624 1.23 9.73 -22.67
C PHE A 624 0.80 11.18 -22.82
N ALA A 625 -0.41 11.39 -23.30
CA ALA A 625 -0.97 12.74 -23.36
C ALA A 625 -1.31 13.23 -21.96
N PHE A 626 -1.06 14.52 -21.72
CA PHE A 626 -1.21 15.07 -20.37
C PHE A 626 -2.67 15.33 -20.02
N TRP A 627 -3.33 16.20 -20.79
CA TRP A 627 -4.66 16.70 -20.42
C TRP A 627 -5.73 15.66 -20.73
N PHE A 628 -5.76 14.62 -19.90
CA PHE A 628 -6.81 13.61 -20.04
C PHE A 628 -7.99 13.96 -19.13
N ASN A 629 -9.14 13.39 -19.47
CA ASN A 629 -10.38 13.71 -18.77
C ASN A 629 -10.39 13.11 -17.37
N ILE A 630 -10.76 13.94 -16.39
CA ILE A 630 -10.83 13.51 -14.99
C ILE A 630 -12.27 13.52 -14.49
N VAL A 631 -12.94 14.67 -14.57
CA VAL A 631 -14.32 14.79 -14.09
C VAL A 631 -15.34 14.29 -15.10
N THR A 632 -14.90 13.97 -16.32
CA THR A 632 -15.73 13.42 -17.37
C THR A 632 -15.06 12.18 -17.93
N PRO A 633 -15.83 11.30 -18.61
CA PRO A 633 -15.23 10.10 -19.22
C PRO A 633 -14.13 10.42 -20.23
N ALA B 2 -32.10 -23.12 1.81
CA ALA B 2 -30.84 -23.11 1.07
C ALA B 2 -31.00 -23.78 -0.28
N LEU B 3 -31.82 -23.20 -1.15
CA LEU B 3 -32.08 -23.76 -2.48
C LEU B 3 -31.12 -23.13 -3.47
N GLN B 4 -30.09 -23.87 -3.84
CA GLN B 4 -29.07 -23.40 -4.77
C GLN B 4 -29.52 -23.71 -6.20
N GLN B 5 -29.45 -22.70 -7.07
CA GLN B 5 -29.95 -22.84 -8.43
C GLN B 5 -28.95 -23.60 -9.31
N ASP B 6 -29.44 -24.03 -10.46
CA ASP B 6 -28.60 -24.63 -11.48
C ASP B 6 -27.91 -23.56 -12.31
N ALA B 7 -27.02 -23.98 -13.18
CA ALA B 7 -26.32 -23.04 -14.07
C ALA B 7 -27.27 -22.54 -15.14
N THR B 8 -27.28 -21.22 -15.34
CA THR B 8 -28.14 -20.60 -16.33
C THR B 8 -27.54 -20.74 -17.72
N PRO B 9 -28.35 -20.49 -18.77
CA PRO B 9 -27.76 -20.47 -20.12
C PRO B 9 -26.61 -19.48 -20.26
N ALA B 10 -26.71 -18.30 -19.64
CA ALA B 10 -25.62 -17.33 -19.71
C ALA B 10 -24.37 -17.86 -19.04
N THR B 11 -24.53 -18.55 -17.91
CA THR B 11 -23.37 -19.12 -17.22
C THR B 11 -22.74 -20.24 -18.04
N ARG B 12 -23.56 -21.12 -18.63
CA ARG B 12 -23.02 -22.20 -19.44
C ARG B 12 -22.29 -21.66 -20.67
N GLU B 13 -22.81 -20.59 -21.27
CA GLU B 13 -22.14 -19.99 -22.43
C GLU B 13 -20.77 -19.44 -22.04
N ALA B 14 -20.71 -18.69 -20.93
CA ALA B 14 -19.45 -18.09 -20.51
C ALA B 14 -18.41 -19.16 -20.20
N ASN B 15 -18.83 -20.26 -19.57
CA ASN B 15 -17.88 -21.32 -19.22
C ASN B 15 -17.42 -22.08 -20.46
N GLN B 16 -18.35 -22.41 -21.37
CA GLN B 16 -17.97 -23.12 -22.58
C GLN B 16 -17.06 -22.27 -23.46
N ALA B 17 -17.28 -20.96 -23.49
CA ALA B 17 -16.40 -20.08 -24.25
C ALA B 17 -14.97 -20.15 -23.72
N LEU B 18 -14.82 -20.28 -22.41
CA LEU B 18 -13.48 -20.43 -21.84
C LEU B 18 -12.88 -21.79 -22.19
N TYR B 19 -13.72 -22.79 -22.44
CA TYR B 19 -13.22 -24.12 -22.79
C TYR B 19 -12.59 -24.12 -24.18
N ARG B 20 -13.25 -23.45 -25.14
CA ARG B 20 -12.69 -23.31 -26.48
C ARG B 20 -11.54 -22.31 -26.54
N LYS B 21 -11.20 -21.67 -25.42
CA LYS B 21 -10.19 -20.62 -25.36
C LYS B 21 -8.83 -21.12 -24.89
N LEU B 22 -8.79 -22.12 -24.03
CA LEU B 22 -7.60 -22.57 -23.35
C LEU B 22 -7.11 -23.91 -23.89
N PRO B 23 -5.81 -24.22 -23.76
CA PRO B 23 -5.28 -25.50 -24.27
C PRO B 23 -5.63 -26.68 -23.38
N PHE B 24 -6.92 -27.02 -23.33
CA PHE B 24 -7.36 -28.13 -22.50
C PHE B 24 -6.78 -29.45 -22.97
N ALA B 25 -6.44 -29.57 -24.26
CA ALA B 25 -5.82 -30.78 -24.78
C ALA B 25 -4.39 -30.96 -24.31
N ASP B 26 -3.77 -29.92 -23.75
CA ASP B 26 -2.42 -30.01 -23.23
C ASP B 26 -2.48 -30.59 -21.82
N LYS B 27 -2.22 -31.89 -21.70
CA LYS B 27 -2.25 -32.59 -20.43
C LYS B 27 -0.86 -32.68 -19.78
N THR B 28 0.03 -31.73 -20.09
CA THR B 28 1.37 -31.77 -19.52
C THR B 28 1.35 -31.63 -18.01
N ASP B 29 0.44 -30.79 -17.49
CA ASP B 29 0.37 -30.59 -16.05
C ASP B 29 -0.03 -31.88 -15.33
N PHE B 30 -0.92 -32.66 -15.94
CA PHE B 30 -1.33 -33.92 -15.31
C PHE B 30 -0.19 -34.92 -15.29
N ASN B 31 0.68 -34.90 -16.30
CA ASN B 31 1.83 -35.81 -16.29
C ASN B 31 2.78 -35.47 -15.15
N ASN B 32 3.11 -34.18 -14.99
CA ASN B 32 3.98 -33.78 -13.89
C ASN B 32 3.30 -33.92 -12.54
N ALA B 33 1.97 -33.78 -12.49
CA ALA B 33 1.26 -33.96 -11.23
C ALA B 33 1.28 -35.42 -10.79
N HIS B 34 1.30 -36.36 -11.74
CA HIS B 34 1.34 -37.78 -11.42
C HIS B 34 2.76 -38.33 -11.34
N GLN B 35 3.77 -37.57 -11.76
CA GLN B 35 5.14 -38.07 -11.82
C GLN B 35 5.66 -38.38 -10.42
N GLY B 36 6.23 -39.58 -10.26
CA GLY B 36 6.87 -39.95 -9.02
C GLY B 36 5.96 -40.46 -7.94
N PHE B 37 4.73 -40.82 -8.28
CA PHE B 37 3.76 -41.24 -7.27
C PHE B 37 4.24 -42.50 -6.56
N ILE B 38 4.04 -42.54 -5.25
CA ILE B 38 4.54 -43.63 -4.44
C ILE B 38 3.41 -44.24 -3.61
N ALA B 39 2.60 -43.38 -2.98
CA ALA B 39 1.54 -43.86 -2.11
C ALA B 39 0.52 -42.75 -1.91
N PRO B 40 -0.74 -43.09 -1.71
CA PRO B 40 -1.75 -42.08 -1.36
C PRO B 40 -1.66 -41.70 0.11
N LEU B 41 -2.36 -40.64 0.46
CA LEU B 41 -2.43 -40.21 1.84
C LEU B 41 -3.27 -41.19 2.65
N PRO B 42 -2.95 -41.38 3.93
CA PRO B 42 -3.78 -42.22 4.79
C PRO B 42 -5.23 -41.75 4.77
N PRO B 43 -6.17 -42.62 4.42
CA PRO B 43 -7.56 -42.18 4.25
C PRO B 43 -8.22 -41.73 5.54
N ALA B 44 -7.69 -42.12 6.69
CA ALA B 44 -8.28 -41.73 7.97
C ALA B 44 -8.19 -40.22 8.16
N LEU B 46 -7.83 -36.65 10.05
CA LEU B 46 -6.90 -36.17 11.06
C LEU B 46 -7.72 -35.34 12.06
N LYS B 47 -8.12 -35.98 13.16
CA LYS B 47 -8.97 -35.35 14.15
C LYS B 47 -8.15 -34.72 15.26
N GLY B 48 -8.67 -33.65 15.84
CA GLY B 48 -8.04 -32.97 16.95
C GLY B 48 -8.29 -33.67 18.27
N ALA B 49 -7.93 -32.96 19.34
CA ALA B 49 -8.07 -33.53 20.68
C ALA B 49 -9.54 -33.65 21.08
N GLN B 50 -10.34 -32.62 20.81
CA GLN B 50 -11.76 -32.61 21.14
C GLN B 50 -12.62 -33.15 20.01
N GLY B 51 -12.06 -33.96 19.11
CA GLY B 51 -12.82 -34.49 18.00
C GLY B 51 -12.98 -33.57 16.82
N ASN B 52 -12.33 -32.40 16.83
CA ASN B 52 -12.42 -31.46 15.72
C ASN B 52 -11.64 -31.98 14.51
N ILE B 53 -12.03 -31.50 13.34
CA ILE B 53 -11.42 -31.93 12.08
C ILE B 53 -10.22 -31.04 11.78
N ILE B 54 -9.03 -31.63 11.80
CA ILE B 54 -7.82 -30.91 11.39
C ILE B 54 -7.57 -31.09 9.90
N TRP B 55 -7.85 -32.28 9.36
CA TRP B 55 -7.68 -32.52 7.94
C TRP B 55 -8.58 -33.68 7.51
N ASP B 56 -9.18 -33.55 6.34
CA ASP B 56 -10.04 -34.59 5.77
C ASP B 56 -9.47 -35.02 4.42
N PRO B 57 -8.85 -36.19 4.32
CA PRO B 57 -8.27 -36.61 3.03
C PRO B 57 -9.29 -36.91 1.95
N ALA B 58 -10.57 -37.05 2.30
CA ALA B 58 -11.63 -37.31 1.33
C ALA B 58 -12.57 -36.12 1.16
N LYS B 59 -12.09 -34.91 1.49
CA LYS B 59 -12.96 -33.74 1.49
C LYS B 59 -13.45 -33.40 0.09
N TYR B 60 -12.59 -33.55 -0.91
CA TYR B 60 -12.93 -33.19 -2.29
C TYR B 60 -12.86 -34.40 -3.21
N ASP B 61 -13.38 -35.54 -2.75
CA ASP B 61 -13.39 -36.73 -3.58
C ASP B 61 -14.35 -36.62 -4.76
N PHE B 62 -15.31 -35.70 -4.69
CA PHE B 62 -16.21 -35.47 -5.82
C PHE B 62 -15.50 -34.83 -7.01
N VAL B 63 -14.29 -34.32 -6.80
CA VAL B 63 -13.51 -33.71 -7.89
C VAL B 63 -12.67 -34.83 -8.49
N LYS B 64 -13.23 -35.51 -9.48
CA LYS B 64 -12.56 -36.65 -10.11
C LYS B 64 -11.80 -36.19 -11.34
N GLU B 65 -10.58 -36.73 -11.51
CA GLU B 65 -9.69 -36.25 -12.56
C GLU B 65 -10.27 -36.44 -13.95
N GLY B 66 -10.87 -37.60 -14.21
CA GLY B 66 -11.29 -37.91 -15.56
C GLY B 66 -12.57 -37.24 -16.01
N GLU B 67 -13.50 -37.02 -15.09
CA GLU B 67 -14.84 -36.61 -15.50
C GLU B 67 -14.87 -35.14 -15.90
N LYS B 68 -15.91 -34.78 -16.65
CA LYS B 68 -16.08 -33.43 -17.17
C LYS B 68 -16.56 -32.50 -16.07
N ALA B 69 -16.23 -31.22 -16.22
CA ALA B 69 -16.63 -30.22 -15.24
C ALA B 69 -18.14 -30.06 -15.22
N PRO B 70 -18.74 -29.97 -14.03
CA PRO B 70 -20.18 -29.68 -13.96
C PRO B 70 -20.47 -28.28 -14.49
N ASP B 71 -21.73 -28.07 -14.88
CA ASP B 71 -22.15 -26.77 -15.39
C ASP B 71 -22.01 -25.67 -14.36
N THR B 72 -22.05 -26.00 -13.08
CA THR B 72 -21.94 -25.02 -11.99
C THR B 72 -20.50 -24.75 -11.59
N VAL B 73 -19.52 -25.37 -12.24
CA VAL B 73 -18.11 -25.13 -11.96
C VAL B 73 -17.45 -24.66 -13.26
N ASN B 74 -16.67 -23.60 -13.16
CA ASN B 74 -15.89 -23.13 -14.30
C ASN B 74 -14.95 -24.23 -14.76
N PRO B 75 -14.88 -24.51 -16.06
CA PRO B 75 -14.06 -25.66 -16.51
C PRO B 75 -12.58 -25.48 -16.26
N SER B 76 -12.07 -24.25 -16.28
CA SER B 76 -10.65 -24.03 -15.99
C SER B 76 -10.37 -24.25 -14.51
N LEU B 77 -11.23 -23.74 -13.63
CA LEU B 77 -11.05 -23.97 -12.20
C LEU B 77 -11.21 -25.45 -11.87
N TRP B 78 -12.15 -26.13 -12.52
CA TRP B 78 -12.36 -27.55 -12.27
C TRP B 78 -11.14 -28.36 -12.69
N ARG B 79 -10.46 -27.94 -13.76
CA ARG B 79 -9.22 -28.60 -14.15
C ARG B 79 -8.14 -28.40 -13.09
N GLN B 80 -8.07 -27.20 -12.52
CA GLN B 80 -7.08 -26.94 -11.47
C GLN B 80 -7.41 -27.71 -10.21
N SER B 81 -8.70 -27.87 -9.90
CA SER B 81 -9.09 -28.54 -8.67
C SER B 81 -8.81 -30.04 -8.73
N GLN B 82 -9.02 -30.65 -9.91
CA GLN B 82 -8.70 -32.07 -10.04
C GLN B 82 -7.19 -32.28 -10.08
N LEU B 83 -6.43 -31.28 -10.53
CA LEU B 83 -4.98 -31.34 -10.40
C LEU B 83 -4.54 -31.17 -8.95
N LEU B 84 -5.25 -30.34 -8.18
CA LEU B 84 -4.86 -30.09 -6.80
C LEU B 84 -5.07 -31.31 -5.92
N ASN B 85 -6.04 -32.16 -6.24
CA ASN B 85 -6.35 -33.33 -5.44
C ASN B 85 -5.47 -34.54 -5.75
N ILE B 86 -4.54 -34.40 -6.70
CA ILE B 86 -3.53 -35.42 -6.92
C ILE B 86 -2.50 -35.28 -5.80
N GLY B 87 -2.70 -35.99 -4.70
CA GLY B 87 -1.85 -35.89 -3.54
C GLY B 87 -1.27 -37.24 -3.14
N GLY B 88 -0.44 -37.20 -2.11
CA GLY B 88 0.25 -38.35 -1.58
C GLY B 88 1.74 -38.11 -1.50
N LEU B 89 2.49 -39.18 -1.30
CA LEU B 89 3.94 -39.11 -1.25
C LEU B 89 4.52 -39.27 -2.66
N PHE B 90 5.33 -38.31 -3.08
CA PHE B 90 5.90 -38.30 -4.41
C PHE B 90 7.42 -38.26 -4.34
N LYS B 91 8.05 -38.89 -5.33
CA LYS B 91 9.48 -38.76 -5.56
C LYS B 91 9.71 -37.73 -6.64
N VAL B 92 10.59 -36.77 -6.36
CA VAL B 92 10.89 -35.72 -7.33
C VAL B 92 12.13 -36.12 -8.13
N THR B 93 13.29 -36.15 -7.46
CA THR B 93 14.51 -36.63 -8.09
C THR B 93 15.23 -37.57 -7.14
N ASP B 94 16.48 -37.94 -7.47
CA ASP B 94 17.25 -38.86 -6.65
C ASP B 94 17.49 -38.30 -5.24
N GLY B 95 16.65 -38.67 -4.30
CA GLY B 95 16.88 -38.35 -2.90
C GLY B 95 16.08 -37.21 -2.32
N VAL B 96 15.10 -36.67 -3.04
CA VAL B 96 14.19 -35.68 -2.49
C VAL B 96 12.76 -36.14 -2.73
N TYR B 97 11.89 -35.85 -1.77
CA TYR B 97 10.50 -36.31 -1.81
C TYR B 97 9.58 -35.19 -1.35
N GLN B 98 8.33 -35.25 -1.82
CA GLN B 98 7.33 -34.28 -1.46
C GLN B 98 6.03 -34.97 -1.06
N ILE B 99 5.29 -34.32 -0.17
CA ILE B 99 3.94 -34.75 0.20
C ILE B 99 2.98 -33.65 -0.23
N ARG B 100 1.98 -34.01 -1.02
CA ARG B 100 1.06 -33.04 -1.59
C ARG B 100 -0.37 -33.31 -1.12
N ASN B 101 -1.13 -32.22 -1.00
CA ASN B 101 -2.54 -32.25 -0.61
C ASN B 101 -2.75 -32.83 0.78
N LEU B 102 -1.76 -32.68 1.66
CA LEU B 102 -1.96 -32.87 3.09
C LEU B 102 -2.13 -31.53 3.80
N ASP B 103 -2.09 -30.44 3.05
CA ASP B 103 -2.25 -29.08 3.56
C ASP B 103 -2.46 -28.19 2.33
N LEU B 104 -2.61 -26.89 2.57
CA LEU B 104 -2.67 -25.96 1.44
C LEU B 104 -1.34 -25.92 0.70
N SER B 105 -0.24 -26.21 1.40
CA SER B 105 1.09 -26.20 0.83
C SER B 105 1.65 -27.63 0.79
N ASN B 106 2.90 -27.76 0.38
CA ASN B 106 3.59 -29.03 0.31
C ASN B 106 4.65 -29.12 1.40
N THR B 108 8.55 -30.71 1.66
CA THR B 108 9.67 -31.27 0.93
C THR B 108 10.65 -31.91 1.91
N ILE B 109 11.14 -33.10 1.55
CA ILE B 109 12.09 -33.84 2.36
C ILE B 109 13.28 -34.21 1.47
N ILE B 110 14.47 -33.79 1.87
CA ILE B 110 15.69 -34.03 1.11
C ILE B 110 16.61 -34.94 1.93
N GLU B 111 17.13 -35.99 1.29
CA GLU B 111 17.96 -36.97 1.97
C GLU B 111 19.44 -36.59 1.83
N GLY B 112 20.12 -36.46 2.97
CA GLY B 112 21.52 -36.16 3.00
C GLY B 112 22.37 -37.34 3.42
N LYS B 113 23.61 -37.03 3.82
CA LYS B 113 24.53 -38.09 4.20
C LYS B 113 24.20 -38.68 5.56
N THR B 114 23.60 -37.89 6.45
CA THR B 114 23.31 -38.31 7.82
C THR B 114 21.84 -38.58 8.07
N GLY B 115 20.97 -37.65 7.69
CA GLY B 115 19.54 -37.81 7.87
C GLY B 115 18.77 -37.13 6.77
N ILE B 116 17.63 -36.54 7.13
CA ILE B 116 16.77 -35.87 6.16
C ILE B 116 16.64 -34.40 6.54
N THR B 117 16.29 -33.58 5.54
CA THR B 117 16.08 -32.16 5.71
C THR B 117 14.66 -31.83 5.27
N VAL B 118 13.92 -31.12 6.11
CA VAL B 118 12.52 -30.79 5.87
C VAL B 118 12.40 -29.31 5.51
N ILE B 119 11.61 -29.01 4.49
CA ILE B 119 11.41 -27.66 4.00
C ILE B 119 9.94 -27.32 4.12
N ASP B 120 9.64 -26.15 4.72
CA ASP B 120 8.29 -25.65 4.90
C ASP B 120 7.39 -26.71 5.55
N PRO B 121 7.55 -26.99 6.84
CA PRO B 121 6.77 -28.06 7.47
C PRO B 121 5.30 -27.74 7.65
N LEU B 122 4.63 -27.35 6.57
CA LEU B 122 3.18 -27.20 6.52
C LEU B 122 2.64 -26.14 7.49
N LEU B 123 1.32 -26.08 7.62
CA LEU B 123 0.64 -25.04 8.39
C LEU B 123 0.34 -25.45 9.83
N SER B 124 0.22 -26.75 10.11
CA SER B 124 -0.08 -27.23 11.44
C SER B 124 0.83 -28.40 11.79
N ALA B 125 0.96 -28.65 13.10
CA ALA B 125 1.87 -29.70 13.56
C ALA B 125 1.33 -31.09 13.23
N GLU B 126 0.01 -31.28 13.34
CA GLU B 126 -0.55 -32.61 13.14
C GLU B 126 -0.43 -33.07 11.68
N PRO B 127 -0.81 -32.27 10.66
CA PRO B 127 -0.53 -32.72 9.28
C PRO B 127 0.94 -32.94 9.02
N ALA B 128 1.80 -32.05 9.51
CA ALA B 128 3.24 -32.25 9.36
C ALA B 128 3.70 -33.53 10.03
N LYS B 129 3.04 -33.92 11.13
CA LYS B 129 3.40 -35.16 11.80
C LYS B 129 3.07 -36.36 10.93
N GLU B 130 1.87 -36.36 10.32
CA GLU B 130 1.49 -37.48 9.46
C GLU B 130 2.22 -37.43 8.12
N ALA B 131 2.57 -36.23 7.65
CA ALA B 131 3.38 -36.14 6.43
C ALA B 131 4.72 -36.82 6.61
N LEU B 132 5.36 -36.62 7.77
CA LEU B 132 6.62 -37.31 8.06
C LEU B 132 6.40 -38.80 8.25
N ALA B 133 5.23 -39.19 8.79
CA ALA B 133 4.95 -40.61 8.96
C ALA B 133 4.73 -41.31 7.61
N LEU B 134 4.05 -40.64 6.68
CA LEU B 134 3.86 -41.21 5.35
C LEU B 134 5.18 -41.35 4.60
N TYR B 135 6.13 -40.45 4.86
CA TYR B 135 7.44 -40.57 4.25
C TYR B 135 8.20 -41.77 4.81
N PHE B 136 8.25 -41.88 6.14
CA PHE B 136 8.93 -43.00 6.78
C PHE B 136 8.21 -44.33 6.56
N ALA B 137 6.98 -44.31 6.06
CA ALA B 137 6.31 -45.54 5.67
C ALA B 137 6.86 -46.12 4.37
N HIS B 138 7.75 -45.40 3.69
CA HIS B 138 8.29 -45.87 2.42
C HIS B 138 9.77 -45.53 2.26
N ARG B 139 10.48 -45.23 3.35
CA ARG B 139 11.84 -44.75 3.23
C ARG B 139 12.62 -45.15 4.48
N PRO B 140 13.92 -45.41 4.36
CA PRO B 140 14.72 -45.77 5.54
C PRO B 140 14.65 -44.69 6.61
N LYS B 141 14.36 -45.11 7.83
CA LYS B 141 14.21 -44.17 8.94
C LYS B 141 15.54 -43.50 9.25
N LYS B 142 15.53 -42.17 9.26
CA LYS B 142 16.69 -41.35 9.54
C LYS B 142 16.26 -40.17 10.38
N PRO B 143 17.15 -39.60 11.18
CA PRO B 143 16.79 -38.42 11.96
C PRO B 143 16.77 -37.17 11.08
N VAL B 144 15.80 -36.30 11.35
CA VAL B 144 15.78 -35.02 10.66
C VAL B 144 16.92 -34.17 11.18
N VAL B 145 17.71 -33.62 10.26
CA VAL B 145 18.95 -32.94 10.61
C VAL B 145 18.78 -31.43 10.58
N ALA B 146 18.04 -30.91 9.61
CA ALA B 146 17.82 -29.48 9.49
C ALA B 146 16.42 -29.22 8.98
N VAL B 147 15.93 -28.01 9.24
CA VAL B 147 14.64 -27.55 8.73
C VAL B 147 14.85 -26.16 8.13
N LEU B 148 14.29 -25.94 6.95
CA LEU B 148 14.40 -24.66 6.25
C LEU B 148 13.03 -24.03 6.09
N PHE B 149 12.93 -22.75 6.44
CA PHE B 149 11.75 -21.95 6.18
C PHE B 149 12.02 -21.05 4.98
N THR B 150 11.11 -21.06 4.00
CA THR B 150 11.28 -20.24 2.83
C THR B 150 10.71 -18.83 3.03
N HIS B 151 9.44 -18.73 3.43
CA HIS B 151 8.83 -17.47 3.79
C HIS B 151 8.70 -17.37 5.31
N SER B 152 8.46 -16.16 5.78
CA SER B 152 8.35 -15.90 7.21
C SER B 152 6.90 -15.81 7.65
N HIS B 153 6.07 -16.75 7.23
CA HIS B 153 4.65 -16.72 7.52
C HIS B 153 4.18 -18.07 8.04
N VAL B 154 3.05 -18.04 8.77
CA VAL B 154 2.48 -19.25 9.35
C VAL B 154 2.31 -20.35 8.31
N ASP B 155 2.09 -19.96 7.06
CA ASP B 155 1.97 -20.92 5.96
C ASP B 155 3.20 -21.82 5.86
N HIS B 156 4.36 -21.36 6.33
CA HIS B 156 5.61 -22.06 6.12
C HIS B 156 6.21 -22.68 7.37
N TYR B 157 5.92 -22.15 8.56
CA TYR B 157 6.49 -22.67 9.80
C TYR B 157 5.44 -23.29 10.72
N GLY B 158 4.17 -23.31 10.33
CA GLY B 158 3.10 -23.63 11.27
C GLY B 158 3.23 -24.98 11.94
N GLY B 159 3.88 -25.94 11.29
CA GLY B 159 3.99 -27.27 11.86
C GLY B 159 5.41 -27.72 12.10
N ILE B 160 6.27 -26.80 12.56
CA ILE B 160 7.68 -27.13 12.74
C ILE B 160 7.86 -28.22 13.79
N ARG B 161 7.21 -28.07 14.94
CA ARG B 161 7.41 -29.04 16.01
C ARG B 161 6.53 -30.28 15.86
N GLY B 162 5.71 -30.35 14.82
CA GLY B 162 5.14 -31.63 14.43
C GLY B 162 6.11 -32.49 13.65
N VAL B 163 7.33 -31.99 13.44
CA VAL B 163 8.35 -32.64 12.63
C VAL B 163 9.63 -32.73 13.45
N VAL B 164 9.84 -31.76 14.34
CA VAL B 164 11.09 -31.65 15.09
C VAL B 164 10.76 -31.43 16.57
N ASP B 165 11.70 -31.83 17.43
CA ASP B 165 11.60 -31.58 18.86
C ASP B 165 12.49 -30.40 19.22
N GLU B 166 11.96 -29.45 20.00
CA GLU B 166 12.72 -28.27 20.36
C GLU B 166 13.92 -28.63 21.25
N ALA B 167 13.82 -29.72 21.99
CA ALA B 167 14.94 -30.15 22.84
C ALA B 167 16.17 -30.44 22.00
N ASP B 168 16.00 -31.20 20.90
CA ASP B 168 17.12 -31.49 20.01
C ASP B 168 17.60 -30.25 19.28
N VAL B 169 16.75 -29.23 19.13
CA VAL B 169 17.17 -28.00 18.46
C VAL B 169 18.13 -27.20 19.35
N LYS B 170 17.80 -27.06 20.63
CA LYS B 170 18.70 -26.38 21.56
C LYS B 170 19.99 -27.17 21.77
N ALA B 171 19.93 -28.49 21.71
CA ALA B 171 21.09 -29.35 21.90
C ALA B 171 21.96 -29.44 20.65
N GLY B 172 21.69 -28.63 19.63
CA GLY B 172 22.47 -28.63 18.41
C GLY B 172 22.22 -29.79 17.48
N LYS B 173 21.36 -30.74 17.85
CA LYS B 173 21.09 -31.90 17.01
C LYS B 173 20.25 -31.54 15.79
N VAL B 174 19.63 -30.36 15.77
CA VAL B 174 18.82 -29.90 14.65
C VAL B 174 19.10 -28.42 14.43
N LYS B 175 19.25 -28.03 13.16
CA LYS B 175 19.44 -26.63 12.78
C LYS B 175 18.22 -26.17 12.01
N ILE B 176 17.71 -24.98 12.33
CA ILE B 176 16.53 -24.42 11.69
C ILE B 176 16.97 -23.18 10.92
N TYR B 177 16.92 -23.27 9.59
CA TYR B 177 17.33 -22.18 8.71
C TYR B 177 16.12 -21.36 8.30
N ALA B 178 16.35 -20.06 8.11
CA ALA B 178 15.28 -19.13 7.78
C ALA B 178 15.91 -17.84 7.26
N PRO B 179 15.14 -17.01 6.56
CA PRO B 179 15.67 -15.70 6.13
C PRO B 179 16.04 -14.84 7.34
N ALA B 180 16.83 -13.79 7.06
CA ALA B 180 17.40 -12.98 8.13
C ALA B 180 16.31 -12.34 8.98
N GLY B 181 15.33 -11.71 8.34
CA GLY B 181 14.27 -11.03 9.07
C GLY B 181 13.04 -11.88 9.30
N PHE B 182 13.24 -13.16 9.59
CA PHE B 182 12.11 -14.07 9.80
C PHE B 182 11.26 -13.63 10.98
N GLU B 184 10.90 -10.89 12.81
CA GLU B 184 10.16 -9.62 12.76
C GLU B 184 8.94 -9.72 11.85
N GLU B 185 9.06 -10.44 10.73
CA GLU B 185 7.96 -10.57 9.79
C GLU B 185 6.96 -11.63 10.23
N ALA B 186 7.43 -12.68 10.91
CA ALA B 186 6.54 -13.78 11.27
C ALA B 186 5.47 -13.34 12.28
N VAL B 187 5.84 -12.45 13.21
CA VAL B 187 4.92 -12.09 14.27
C VAL B 187 3.91 -11.04 13.80
N SER B 188 4.35 -10.10 12.97
CA SER B 188 3.52 -8.97 12.55
C SER B 188 2.66 -9.32 11.34
N GLU B 189 1.90 -10.40 11.45
CA GLU B 189 1.02 -10.82 10.37
C GLU B 189 -0.43 -10.48 10.65
N ASN B 190 -1.11 -11.33 11.41
CA ASN B 190 -2.54 -11.18 11.66
C ASN B 190 -2.82 -10.76 13.10
N ILE B 191 -2.10 -9.76 13.58
CA ILE B 191 -2.24 -9.32 14.97
C ILE B 191 -3.10 -8.07 15.09
N ALA B 193 -5.12 -6.27 12.44
CA ALA B 193 -6.42 -6.50 11.79
C ALA B 193 -6.74 -7.99 11.73
N GLY B 194 -6.45 -8.73 12.80
CA GLY B 194 -6.61 -10.17 12.78
C GLY B 194 -8.06 -10.59 12.63
N THR B 195 -8.96 -9.95 13.38
CA THR B 195 -10.36 -10.34 13.35
C THR B 195 -10.97 -10.13 11.97
N ALA B 196 -10.71 -8.98 11.36
CA ALA B 196 -11.30 -8.66 10.06
C ALA B 196 -10.81 -9.62 8.99
N SER B 198 -9.41 -12.82 9.37
CA SER B 198 -9.83 -14.21 9.55
C SER B 198 -11.29 -14.40 9.22
N ARG B 199 -12.13 -13.38 9.43
CA ARG B 199 -13.52 -13.46 9.00
C ARG B 199 -13.63 -13.38 7.48
N ARG B 200 -12.86 -12.50 6.85
CA ARG B 200 -12.78 -12.49 5.40
C ARG B 200 -12.16 -13.78 4.87
N ALA B 201 -11.29 -14.41 5.66
CA ALA B 201 -10.69 -15.67 5.25
C ALA B 201 -11.73 -16.79 5.18
N SER B 202 -12.74 -16.76 6.04
CA SER B 202 -13.79 -17.77 5.97
C SER B 202 -14.55 -17.69 4.66
N TYR B 203 -14.66 -16.49 4.09
CA TYR B 203 -15.23 -16.35 2.75
C TYR B 203 -14.27 -16.88 1.69
N TYR B 205 -11.65 -19.15 1.74
CA TYR B 205 -11.33 -20.57 1.69
C TYR B 205 -12.57 -21.47 1.74
N GLY B 206 -13.77 -20.89 1.71
CA GLY B 206 -14.98 -21.68 1.63
C GLY B 206 -15.26 -22.56 2.83
N ASN B 207 -14.80 -22.18 4.02
CA ASN B 207 -15.05 -22.98 5.20
C ASN B 207 -16.52 -23.02 5.58
N LEU B 208 -17.31 -22.04 5.13
CA LEU B 208 -18.74 -21.99 5.39
C LEU B 208 -19.55 -22.73 4.32
N LEU B 209 -18.89 -23.26 3.30
CA LEU B 209 -19.58 -23.95 2.21
C LEU B 209 -19.44 -25.45 2.34
N LYS B 210 -20.27 -26.17 1.60
CA LYS B 210 -20.24 -27.63 1.53
C LYS B 210 -19.37 -28.06 0.35
N PRO B 211 -18.51 -29.06 0.54
CA PRO B 211 -17.74 -29.57 -0.60
C PRO B 211 -18.59 -30.36 -1.56
N ASP B 212 -19.19 -29.70 -2.54
CA ASP B 212 -19.91 -30.36 -3.62
C ASP B 212 -19.88 -29.47 -4.85
N ALA B 213 -20.55 -29.91 -5.91
CA ALA B 213 -20.52 -29.19 -7.17
C ALA B 213 -21.19 -27.82 -7.09
N LYS B 214 -22.12 -27.63 -6.17
CA LYS B 214 -22.80 -26.35 -6.00
C LYS B 214 -22.12 -25.44 -4.98
N GLY B 215 -20.88 -25.74 -4.60
CA GLY B 215 -20.21 -24.95 -3.59
C GLY B 215 -18.70 -24.96 -3.64
N GLN B 216 -18.08 -25.54 -2.61
CA GLN B 216 -16.64 -25.45 -2.42
C GLN B 216 -15.94 -26.50 -3.29
N VAL B 217 -15.03 -26.05 -4.14
CA VAL B 217 -14.28 -26.94 -5.03
C VAL B 217 -12.76 -26.82 -4.87
N GLY B 218 -12.28 -25.80 -4.18
CA GLY B 218 -10.85 -25.62 -4.01
C GLY B 218 -10.49 -24.16 -3.89
N ALA B 219 -9.25 -23.92 -3.45
CA ALA B 219 -8.77 -22.56 -3.21
C ALA B 219 -7.69 -22.14 -4.20
N GLY B 220 -7.47 -22.91 -5.26
CA GLY B 220 -6.52 -22.51 -6.29
C GLY B 220 -5.07 -22.78 -5.94
N LEU B 221 -4.54 -22.04 -4.96
CA LEU B 221 -3.19 -22.30 -4.48
C LEU B 221 -3.09 -23.67 -3.82
N GLY B 222 -4.20 -24.16 -3.28
CA GLY B 222 -4.33 -25.49 -2.72
C GLY B 222 -5.80 -25.80 -2.56
N THR B 223 -6.08 -26.95 -1.96
CA THR B 223 -7.47 -27.32 -1.72
C THR B 223 -8.06 -26.52 -0.57
N THR B 224 -7.48 -26.65 0.62
CA THR B 224 -7.93 -25.91 1.79
C THR B 224 -6.79 -25.88 2.80
N THR B 225 -7.02 -25.22 3.93
CA THR B 225 -6.03 -25.12 4.98
C THR B 225 -6.37 -26.06 6.13
N SER B 226 -5.34 -26.50 6.84
CA SER B 226 -5.55 -27.37 7.99
C SER B 226 -5.91 -26.54 9.22
N ALA B 227 -6.58 -27.18 10.18
CA ALA B 227 -7.02 -26.51 11.38
C ALA B 227 -6.46 -27.19 12.63
N GLY B 228 -5.13 -27.31 12.70
CA GLY B 228 -4.46 -27.91 13.82
C GLY B 228 -3.70 -26.92 14.66
N THR B 229 -2.70 -27.43 15.38
CA THR B 229 -1.89 -26.60 16.27
C THR B 229 -0.88 -25.80 15.45
N VAL B 230 -0.91 -24.49 15.60
CA VAL B 230 0.06 -23.61 14.95
C VAL B 230 1.24 -23.42 15.89
N THR B 231 2.42 -23.80 15.45
CA THR B 231 3.61 -23.83 16.28
C THR B 231 4.73 -22.99 15.68
N LEU B 232 5.73 -22.69 16.50
CA LEU B 232 6.87 -21.90 16.06
C LEU B 232 8.05 -22.21 16.97
N ILE B 233 9.16 -22.65 16.38
CA ILE B 233 10.44 -22.75 17.07
C ILE B 233 11.38 -21.74 16.40
N PRO B 234 11.97 -20.82 17.16
CA PRO B 234 12.83 -19.80 16.55
C PRO B 234 13.99 -20.41 15.78
N PRO B 235 14.32 -19.86 14.61
CA PRO B 235 15.41 -20.43 13.82
C PRO B 235 16.76 -20.28 14.51
N THR B 236 17.70 -21.12 14.08
CA THR B 236 19.04 -21.16 14.66
C THR B 236 20.11 -20.59 13.75
N HIS B 237 19.93 -20.68 12.43
CA HIS B 237 20.89 -20.16 11.47
C HIS B 237 20.15 -19.32 10.43
N TYR B 238 20.61 -18.09 10.23
CA TYR B 238 19.93 -17.13 9.37
C TYR B 238 20.71 -16.93 8.08
N ILE B 239 19.97 -16.76 6.98
CA ILE B 239 20.53 -16.43 5.68
C ILE B 239 20.36 -14.93 5.47
N THR B 240 21.46 -14.25 5.12
CA THR B 240 21.47 -12.79 5.11
C THR B 240 21.71 -12.16 3.75
N HIS B 241 22.37 -12.84 2.81
CA HIS B 241 22.72 -12.22 1.54
C HIS B 241 22.58 -13.23 0.41
N THR B 242 22.42 -12.68 -0.79
CA THR B 242 22.21 -13.46 -2.02
C THR B 242 23.40 -14.34 -2.39
N GLY B 243 24.57 -14.11 -1.81
CA GLY B 243 25.72 -14.95 -2.11
C GLY B 243 25.94 -16.09 -1.15
N GLN B 244 25.23 -16.09 -0.01
CA GLN B 244 25.53 -17.03 1.06
C GLN B 244 25.31 -18.46 0.64
N GLN B 245 26.27 -19.32 0.97
CA GLN B 245 26.20 -20.76 0.72
C GLN B 245 26.26 -21.52 2.03
N GLU B 246 25.57 -22.65 2.07
CA GLU B 246 25.51 -23.49 3.26
C GLU B 246 25.56 -24.95 2.83
N VAL B 247 26.38 -25.74 3.52
CA VAL B 247 26.42 -27.19 3.33
C VAL B 247 25.53 -27.80 4.41
N ILE B 248 24.35 -28.27 4.03
CA ILE B 248 23.36 -28.81 4.94
C ILE B 248 23.31 -30.31 4.73
N ASP B 249 23.90 -31.06 5.67
CA ASP B 249 23.91 -32.53 5.62
C ASP B 249 24.56 -33.05 4.34
N GLY B 250 25.65 -32.41 3.94
CA GLY B 250 26.42 -32.83 2.78
C GLY B 250 26.01 -32.19 1.47
N LEU B 251 24.82 -31.59 1.40
CA LEU B 251 24.35 -30.94 0.18
C LEU B 251 24.64 -29.44 0.25
N THR B 252 24.95 -28.86 -0.91
CA THR B 252 25.31 -27.45 -0.99
C THR B 252 24.10 -26.63 -1.43
N TYR B 253 23.73 -25.64 -0.62
CA TYR B 253 22.60 -24.77 -0.89
C TYR B 253 23.12 -23.39 -1.28
N ASP B 254 22.67 -22.89 -2.43
CA ASP B 254 23.02 -21.55 -2.91
C ASP B 254 21.78 -20.68 -2.77
N PHE B 255 21.76 -19.82 -1.76
CA PHE B 255 20.59 -19.01 -1.45
C PHE B 255 20.57 -17.73 -2.28
N ALA B 258 15.35 -11.96 -1.62
CA ALA B 258 14.49 -11.03 -2.31
C ALA B 258 15.00 -9.60 -2.10
N PRO B 259 15.08 -8.79 -3.14
CA PRO B 259 15.65 -7.45 -2.99
C PRO B 259 14.64 -6.45 -2.47
N GLY B 260 15.15 -5.43 -1.79
CA GLY B 260 14.30 -4.37 -1.26
C GLY B 260 14.70 -3.91 0.13
N SER B 261 14.95 -4.85 1.02
CA SER B 261 15.30 -4.55 2.41
C SER B 261 16.76 -4.88 2.67
N GLU B 262 17.18 -4.64 3.91
CA GLU B 262 18.50 -5.01 4.39
C GLU B 262 18.50 -6.32 5.17
N ALA B 263 17.32 -6.90 5.41
CA ALA B 263 17.21 -8.22 6.05
C ALA B 263 15.92 -8.86 5.58
N PRO B 264 15.90 -9.37 4.34
CA PRO B 264 14.65 -9.84 3.74
C PRO B 264 14.06 -11.03 4.48
N SER B 265 12.75 -11.23 4.26
CA SER B 265 12.00 -12.28 4.92
C SER B 265 11.67 -13.44 4.00
N GLU B 266 12.01 -13.36 2.72
CA GLU B 266 11.78 -14.44 1.77
C GLU B 266 13.09 -14.79 1.09
N LEU B 268 14.94 -17.79 -2.00
CA LEU B 268 15.02 -18.98 -2.83
C LEU B 268 16.42 -19.56 -2.73
N TRP B 269 16.56 -20.83 -3.13
CA TRP B 269 17.87 -21.45 -3.13
C TRP B 269 17.94 -22.50 -4.23
N TYR B 270 19.15 -23.02 -4.44
CA TYR B 270 19.43 -23.97 -5.51
C TYR B 270 20.38 -25.02 -4.96
N VAL B 271 19.90 -26.26 -4.83
CA VAL B 271 20.72 -27.36 -4.35
C VAL B 271 21.63 -27.80 -5.49
N LYS B 272 22.93 -27.51 -5.37
CA LYS B 272 23.87 -27.76 -6.46
C LYS B 272 23.89 -29.24 -6.85
N GLU B 273 24.00 -30.13 -5.86
CA GLU B 273 24.19 -31.55 -6.16
C GLU B 273 22.99 -32.20 -6.82
N LYS B 274 21.80 -31.62 -6.69
CA LYS B 274 20.61 -32.14 -7.33
C LYS B 274 20.16 -31.33 -8.54
N LYS B 275 20.88 -30.25 -8.86
CA LYS B 275 20.49 -29.32 -9.94
C LYS B 275 19.03 -28.90 -9.79
N ILE B 277 15.98 -26.23 -8.19
CA ILE B 277 15.59 -24.91 -7.74
C ILE B 277 14.43 -25.04 -6.76
N GLU B 278 14.55 -24.39 -5.61
CA GLU B 278 13.43 -24.26 -4.67
C GLU B 278 12.66 -23.00 -5.04
N ALA B 279 11.43 -23.14 -5.54
CA ALA B 279 10.69 -21.99 -6.07
C ALA B 279 9.66 -21.40 -5.11
N ALA B 280 9.51 -21.96 -3.92
CA ALA B 280 8.56 -21.43 -2.93
C ALA B 280 7.12 -21.32 -3.39
N GLU B 281 6.57 -20.17 -3.04
CA GLU B 281 5.32 -19.63 -3.56
C GLU B 281 5.56 -18.73 -4.76
N ASP B 282 6.82 -18.43 -5.09
CA ASP B 282 7.10 -17.36 -6.04
C ASP B 282 7.00 -17.82 -7.51
N VAL B 283 7.25 -19.10 -7.78
CA VAL B 283 7.04 -19.68 -9.10
C VAL B 283 6.19 -20.92 -8.88
N THR B 284 4.88 -20.78 -9.02
CA THR B 284 3.98 -21.91 -8.89
C THR B 284 3.12 -22.04 -10.13
N HIS B 285 2.04 -22.82 -10.04
CA HIS B 285 1.16 -23.01 -11.18
C HIS B 285 -0.18 -22.29 -10.96
N THR B 286 -0.12 -21.03 -10.57
CA THR B 286 -1.29 -20.17 -10.47
C THR B 286 -0.81 -18.73 -10.38
N LEU B 287 -1.68 -17.81 -10.81
CA LEU B 287 -1.46 -16.40 -10.53
C LEU B 287 -1.66 -16.16 -9.04
N HIS B 288 -0.70 -15.49 -8.41
CA HIS B 288 -0.71 -15.38 -6.96
C HIS B 288 -1.50 -14.16 -6.50
N ASN B 289 -1.93 -14.21 -5.25
CA ASN B 289 -2.70 -13.12 -4.63
C ASN B 289 -1.85 -11.90 -4.36
N THR B 290 -0.53 -12.06 -4.26
CA THR B 290 0.50 -11.11 -3.83
C THR B 290 0.51 -10.93 -2.32
N TYR B 291 -0.51 -11.38 -1.59
CA TYR B 291 -0.51 -11.37 -0.13
C TYR B 291 -0.19 -12.77 0.39
N SER B 292 -0.02 -12.87 1.71
CA SER B 292 0.29 -14.14 2.35
C SER B 292 -1.01 -14.82 2.78
N LEU B 293 -0.87 -15.92 3.53
CA LEU B 293 -2.05 -16.68 3.95
C LEU B 293 -2.89 -15.91 4.95
N ARG B 294 -2.28 -15.07 5.78
CA ARG B 294 -2.99 -14.34 6.81
C ARG B 294 -2.89 -12.82 6.62
N GLY B 295 -2.84 -12.37 5.37
CA GLY B 295 -3.10 -10.98 5.03
C GLY B 295 -1.88 -10.13 4.78
N ALA B 296 -0.73 -10.48 5.37
CA ALA B 296 0.49 -9.70 5.18
C ALA B 296 0.92 -9.76 3.72
N LYS B 297 1.11 -8.59 3.11
CA LYS B 297 1.46 -8.55 1.70
C LYS B 297 2.90 -9.02 1.49
N ILE B 298 3.14 -9.59 0.32
CA ILE B 298 4.44 -10.17 -0.01
C ILE B 298 5.19 -9.22 -0.94
N ARG B 299 4.69 -9.04 -2.16
CA ARG B 299 5.37 -8.23 -3.16
C ARG B 299 4.35 -7.57 -4.08
N ASP B 300 4.82 -6.52 -4.76
CA ASP B 300 4.11 -5.95 -5.89
C ASP B 300 4.44 -6.74 -7.15
N PRO B 301 3.60 -6.65 -8.19
CA PRO B 301 3.84 -7.46 -9.39
C PRO B 301 5.20 -7.24 -10.04
N LEU B 302 5.74 -6.02 -9.98
CA LEU B 302 7.05 -5.79 -10.58
C LEU B 302 8.16 -6.43 -9.77
N ALA B 303 8.08 -6.32 -8.44
CA ALA B 303 9.05 -7.00 -7.59
C ALA B 303 8.96 -8.51 -7.74
N TRP B 304 7.76 -9.03 -7.95
CA TRP B 304 7.60 -10.46 -8.21
C TRP B 304 8.27 -10.85 -9.51
N SER B 305 8.09 -10.05 -10.56
CA SER B 305 8.70 -10.36 -11.85
C SER B 305 10.21 -10.32 -11.75
N LYS B 306 10.77 -9.28 -11.11
CA LYS B 306 12.22 -9.20 -10.98
C LYS B 306 12.76 -10.29 -10.07
N TYR B 307 11.98 -10.73 -9.09
CA TYR B 307 12.39 -11.84 -8.24
C TYR B 307 12.62 -13.10 -9.07
N ILE B 308 11.65 -13.45 -9.92
CA ILE B 308 11.80 -14.61 -10.78
C ILE B 308 12.93 -14.39 -11.79
N ASN B 309 13.01 -13.18 -12.34
CA ASN B 309 14.03 -12.89 -13.35
C ASN B 309 15.44 -13.03 -12.78
N ALA B 310 15.64 -12.56 -11.54
CA ALA B 310 16.92 -12.75 -10.88
C ALA B 310 17.21 -14.23 -10.67
N ALA B 311 16.19 -14.99 -10.30
CA ALA B 311 16.31 -16.44 -10.16
C ALA B 311 16.39 -17.14 -11.52
N ILE B 312 16.25 -16.41 -12.62
CA ILE B 312 16.48 -16.97 -13.95
C ILE B 312 17.91 -16.73 -14.40
N ASP B 313 18.44 -15.52 -14.18
CA ASP B 313 19.83 -15.25 -14.48
C ASP B 313 20.74 -16.18 -13.67
N ARG B 314 20.50 -16.26 -12.36
CA ARG B 314 21.11 -17.29 -11.54
C ARG B 314 20.37 -18.61 -11.76
N TRP B 315 21.13 -19.71 -11.74
CA TRP B 315 20.57 -21.06 -11.77
C TRP B 315 19.76 -21.39 -13.02
N GLY B 316 19.65 -20.46 -13.97
CA GLY B 316 18.68 -20.62 -15.04
C GLY B 316 19.06 -21.69 -16.05
N ASN B 317 20.28 -21.62 -16.56
CA ASN B 317 20.69 -22.47 -17.68
C ASN B 317 21.18 -23.84 -17.25
N GLU B 318 21.31 -24.12 -15.95
CA GLU B 318 21.76 -25.42 -15.49
C GLU B 318 20.77 -26.11 -14.57
N ALA B 319 19.63 -25.49 -14.27
CA ALA B 319 18.64 -26.14 -13.42
C ALA B 319 17.99 -27.29 -14.17
N GLU B 320 17.93 -28.45 -13.51
CA GLU B 320 17.29 -29.62 -14.09
C GLU B 320 16.05 -30.08 -13.33
N VAL B 321 15.79 -29.52 -12.15
CA VAL B 321 14.56 -29.78 -11.40
C VAL B 321 14.13 -28.49 -10.73
N ILE B 322 12.83 -28.26 -10.65
CA ILE B 322 12.28 -27.13 -9.89
C ILE B 322 11.12 -27.64 -9.05
N ILE B 323 11.13 -27.30 -7.76
CA ILE B 323 10.06 -27.64 -6.84
C ILE B 323 9.53 -26.36 -6.23
N ALA B 324 8.32 -26.44 -5.67
CA ALA B 324 7.69 -25.28 -5.07
C ALA B 324 6.94 -25.71 -3.81
N GLN B 325 6.63 -24.73 -2.97
CA GLN B 325 5.81 -24.99 -1.79
C GLN B 325 4.36 -25.31 -2.16
N HIS B 326 3.95 -25.03 -3.39
CA HIS B 326 2.63 -25.39 -3.88
C HIS B 326 2.77 -26.07 -5.24
N HIS B 327 1.79 -26.91 -5.55
CA HIS B 327 1.68 -27.56 -6.85
C HIS B 327 2.84 -28.53 -7.13
N TRP B 328 3.06 -28.86 -8.39
CA TRP B 328 3.90 -29.96 -8.80
C TRP B 328 5.22 -29.50 -9.42
N PRO B 329 6.25 -30.36 -9.42
CA PRO B 329 7.54 -29.96 -10.00
C PRO B 329 7.54 -29.93 -11.52
N THR B 330 8.67 -29.51 -12.09
CA THR B 330 8.90 -29.51 -13.53
C THR B 330 10.34 -29.95 -13.76
N TRP B 331 10.55 -30.83 -14.74
CA TRP B 331 11.83 -31.53 -14.88
C TRP B 331 12.67 -31.10 -16.07
N GLY B 332 12.07 -30.87 -17.23
CA GLY B 332 12.87 -30.46 -18.38
C GLY B 332 13.47 -29.08 -18.15
N ASN B 333 14.79 -28.98 -18.34
CA ASN B 333 15.46 -27.68 -18.19
C ASN B 333 14.88 -26.66 -19.17
N ASP B 334 14.58 -27.09 -20.39
CA ASP B 334 13.84 -26.22 -21.30
C ASP B 334 12.46 -25.88 -20.72
N ASN B 335 11.82 -26.86 -20.08
CA ASN B 335 10.51 -26.61 -19.49
C ASN B 335 10.60 -25.74 -18.24
N ILE B 336 11.71 -25.82 -17.51
CA ILE B 336 11.87 -25.02 -16.30
C ILE B 336 11.99 -23.55 -16.64
N VAL B 337 12.87 -23.23 -17.59
CA VAL B 337 13.02 -21.84 -18.02
C VAL B 337 11.74 -21.33 -18.66
N LYS B 338 11.06 -22.18 -19.43
CA LYS B 338 9.79 -21.79 -20.01
C LYS B 338 8.76 -21.46 -18.94
N LEU B 339 8.69 -22.27 -17.89
CA LEU B 339 7.74 -22.03 -16.82
C LEU B 339 8.05 -20.74 -16.08
N LYS B 341 9.87 -18.13 -17.15
CA LYS B 341 9.74 -16.98 -18.02
C LYS B 341 8.28 -16.57 -18.18
N GLY B 342 7.38 -17.54 -18.40
CA GLY B 342 5.97 -17.23 -18.46
C GLY B 342 5.44 -16.67 -17.16
N GLN B 343 5.98 -17.14 -16.02
CA GLN B 343 5.59 -16.59 -14.73
C GLN B 343 6.16 -15.19 -14.55
N ARG B 344 7.40 -14.97 -15.03
CA ARG B 344 8.02 -13.65 -14.90
C ARG B 344 7.29 -12.60 -15.74
N ASP B 345 7.04 -12.91 -17.01
CA ASP B 345 6.46 -11.92 -17.92
C ASP B 345 5.04 -11.55 -17.52
N TYR B 347 3.73 -11.20 -14.38
CA TYR B 347 3.73 -10.21 -13.32
C TYR B 347 4.23 -8.86 -13.81
N ARG B 348 5.23 -8.85 -14.70
CA ARG B 348 5.65 -7.59 -15.27
C ARG B 348 4.57 -7.02 -16.19
N TYR B 349 3.83 -7.88 -16.89
CA TYR B 349 2.72 -7.40 -17.71
C TYR B 349 1.65 -6.74 -16.85
N ILE B 350 1.34 -7.34 -15.70
CA ILE B 350 0.35 -6.76 -14.80
C ILE B 350 0.81 -5.38 -14.34
N ASN B 351 2.08 -5.26 -13.97
CA ASN B 351 2.58 -3.98 -13.46
C ASN B 351 2.68 -2.95 -14.58
N ASP B 352 3.38 -3.29 -15.67
CA ASP B 352 3.70 -2.28 -16.68
C ASP B 352 2.46 -1.85 -17.45
N GLN B 353 1.54 -2.77 -17.73
CA GLN B 353 0.36 -2.41 -18.50
C GLN B 353 -0.68 -1.66 -17.68
N THR B 354 -0.69 -1.84 -16.35
CA THR B 354 -1.59 -1.06 -15.52
C THR B 354 -1.11 0.38 -15.39
N LEU B 355 0.22 0.57 -15.33
CA LEU B 355 0.77 1.92 -15.29
C LEU B 355 0.58 2.64 -16.61
N ARG B 356 0.58 1.92 -17.73
CA ARG B 356 0.38 2.56 -19.03
C ARG B 356 -1.03 3.12 -19.13
N ALA B 358 -2.98 3.77 -16.69
CA ALA B 358 -3.11 4.81 -15.68
C ALA B 358 -2.64 6.15 -16.21
N ASN B 359 -1.49 6.18 -16.88
CA ASN B 359 -0.98 7.41 -17.49
C ASN B 359 -1.83 7.88 -18.66
N LEU B 360 -2.71 7.03 -19.19
CA LEU B 360 -3.69 7.44 -20.18
C LEU B 360 -4.96 8.00 -19.55
N GLY B 361 -5.02 8.08 -18.22
CA GLY B 361 -6.14 8.67 -17.52
C GLY B 361 -7.21 7.70 -17.08
N THR B 363 -9.18 4.84 -14.79
CA THR B 363 -9.33 4.62 -13.37
C THR B 363 -9.18 3.14 -13.04
N ARG B 364 -9.20 2.84 -11.73
CA ARG B 364 -8.91 1.48 -11.26
C ARG B 364 -9.85 0.46 -11.88
N ASP B 365 -11.15 0.64 -11.72
CA ASP B 365 -12.11 -0.31 -12.28
C ASP B 365 -12.12 -0.31 -13.80
N GLU B 366 -11.77 0.83 -14.41
CA GLU B 366 -11.78 0.91 -15.87
C GLU B 366 -10.60 0.16 -16.47
N ILE B 367 -9.44 0.22 -15.82
CA ILE B 367 -8.27 -0.52 -16.31
C ILE B 367 -8.54 -2.01 -16.28
N ALA B 368 -9.13 -2.50 -15.18
CA ALA B 368 -9.41 -3.93 -15.08
C ALA B 368 -10.41 -4.39 -16.13
N ALA B 369 -11.26 -3.49 -16.62
CA ALA B 369 -12.27 -3.88 -17.60
C ALA B 369 -11.71 -3.94 -19.02
N ASN B 370 -10.76 -3.06 -19.34
CA ASN B 370 -10.13 -3.05 -20.66
C ASN B 370 -8.83 -3.84 -20.70
N PHE B 371 -8.44 -4.44 -19.58
CA PHE B 371 -7.21 -5.22 -19.51
C PHE B 371 -7.37 -6.49 -20.36
N LYS B 372 -6.47 -6.69 -21.32
CA LYS B 372 -6.46 -7.89 -22.14
C LYS B 372 -5.04 -8.41 -22.26
N LEU B 373 -4.90 -9.72 -22.08
CA LEU B 373 -3.60 -10.38 -22.16
C LEU B 373 -3.26 -10.75 -23.58
N PRO B 374 -1.97 -10.79 -23.92
CA PRO B 374 -1.57 -11.36 -25.21
C PRO B 374 -1.93 -12.84 -25.26
N ASP B 375 -2.10 -13.35 -26.49
CA ASP B 375 -2.50 -14.75 -26.65
C ASP B 375 -1.48 -15.70 -26.04
N SER B 376 -0.20 -15.32 -26.03
CA SER B 376 0.82 -16.19 -25.45
C SER B 376 0.68 -16.30 -23.94
N LEU B 377 0.25 -15.23 -23.27
CA LEU B 377 0.02 -15.30 -21.82
C LEU B 377 -1.34 -15.88 -21.49
N GLU B 378 -2.33 -15.70 -22.37
CA GLU B 378 -3.67 -16.22 -22.11
C GLU B 378 -3.68 -17.74 -22.11
N LYS B 379 -2.81 -18.38 -22.90
CA LYS B 379 -2.80 -19.82 -23.03
C LYS B 379 -2.05 -20.52 -21.91
N GLN B 380 -1.24 -19.79 -21.14
CA GLN B 380 -0.44 -20.42 -20.09
C GLN B 380 -1.32 -20.88 -18.94
N TRP B 381 -1.22 -22.16 -18.59
CA TRP B 381 -2.00 -22.68 -17.47
C TRP B 381 -1.46 -22.17 -16.13
N SER B 382 -0.14 -21.97 -16.02
CA SER B 382 0.45 -21.57 -14.75
C SER B 382 0.15 -20.12 -14.39
N SER B 383 -0.39 -19.33 -15.31
CA SER B 383 -0.71 -17.94 -15.04
C SER B 383 -2.19 -17.69 -14.81
N ARG B 384 -3.04 -18.71 -15.01
CA ARG B 384 -4.47 -18.52 -14.85
C ARG B 384 -4.80 -18.14 -13.42
N GLY B 385 -5.84 -17.32 -13.27
CA GLY B 385 -6.23 -16.83 -11.97
C GLY B 385 -7.03 -17.80 -11.14
N TYR B 386 -6.36 -18.70 -10.42
CA TYR B 386 -7.03 -19.63 -9.52
C TYR B 386 -6.98 -19.20 -8.07
N TYR B 387 -5.91 -18.54 -7.65
CA TYR B 387 -5.81 -18.02 -6.29
C TYR B 387 -6.00 -16.51 -6.34
N GLY B 388 -4.98 -15.82 -6.82
CA GLY B 388 -5.17 -14.45 -7.25
C GLY B 388 -5.80 -14.41 -8.63
N SER B 389 -6.20 -13.22 -9.04
CA SER B 389 -6.83 -13.04 -10.33
C SER B 389 -6.27 -11.80 -11.01
N VAL B 390 -6.31 -11.80 -12.35
CA VAL B 390 -5.82 -10.66 -13.12
C VAL B 390 -6.60 -9.41 -12.76
N SER B 391 -7.93 -9.51 -12.69
CA SER B 391 -8.77 -8.36 -12.38
C SER B 391 -8.39 -7.75 -11.04
N HIS B 392 -8.28 -8.58 -10.00
CA HIS B 392 -8.04 -8.05 -8.67
C HIS B 392 -6.57 -7.71 -8.43
N ASP B 393 -5.65 -8.35 -9.16
CA ASP B 393 -4.25 -7.93 -9.09
C ASP B 393 -4.02 -6.61 -9.80
N VAL B 394 -4.71 -6.39 -10.93
CA VAL B 394 -4.58 -5.14 -11.66
C VAL B 394 -5.14 -3.98 -10.85
N LYS B 395 -6.29 -4.19 -10.20
CA LYS B 395 -6.87 -3.14 -9.37
C LYS B 395 -5.96 -2.81 -8.19
N ALA B 396 -5.35 -3.83 -7.58
CA ALA B 396 -4.44 -3.60 -6.47
C ALA B 396 -3.15 -2.91 -6.92
N THR B 397 -2.78 -3.03 -8.19
CA THR B 397 -1.59 -2.35 -8.68
C THR B 397 -1.84 -0.86 -8.85
N TYR B 398 -3.04 -0.49 -9.28
CA TYR B 398 -3.42 0.92 -9.32
C TYR B 398 -3.33 1.54 -7.93
N VAL B 399 -3.93 0.87 -6.94
CA VAL B 399 -3.88 1.33 -5.56
C VAL B 399 -2.46 1.29 -5.00
N PHE B 400 -1.59 0.47 -5.60
CA PHE B 400 -0.20 0.43 -5.14
C PHE B 400 0.56 1.69 -5.52
N TYR B 401 0.21 2.30 -6.66
CA TYR B 401 0.89 3.49 -7.17
C TYR B 401 0.16 4.77 -6.83
N LEU B 402 -1.11 4.86 -7.25
CA LEU B 402 -1.98 5.95 -6.82
C LEU B 402 -2.82 5.47 -5.63
N GLY B 403 -3.45 6.41 -4.95
CA GLY B 403 -4.17 6.05 -3.75
C GLY B 403 -5.47 5.30 -3.98
N TRP B 404 -6.42 5.44 -3.05
CA TRP B 404 -7.77 4.92 -3.25
C TRP B 404 -8.61 5.86 -4.11
N PHE B 405 -8.23 7.13 -4.18
CA PHE B 405 -9.02 8.14 -4.88
C PHE B 405 -8.70 8.12 -6.37
N ASP B 406 -9.73 8.17 -7.21
CA ASP B 406 -9.55 8.05 -8.65
C ASP B 406 -9.35 9.40 -9.35
N GLY B 407 -9.48 10.52 -8.64
CA GLY B 407 -9.30 11.84 -9.19
C GLY B 407 -10.59 12.60 -9.40
N ASN B 408 -11.69 11.90 -9.63
CA ASN B 408 -12.97 12.55 -9.88
C ASN B 408 -13.51 13.12 -8.57
N PRO B 409 -13.70 14.45 -8.46
CA PRO B 409 -14.15 15.03 -7.18
C PRO B 409 -15.50 14.51 -6.71
N ALA B 410 -16.33 14.01 -7.62
CA ALA B 410 -17.61 13.42 -7.24
C ALA B 410 -17.44 12.10 -6.47
N THR B 411 -16.21 11.60 -6.35
CA THR B 411 -15.90 10.42 -5.56
C THR B 411 -15.15 10.74 -4.28
N LEU B 412 -14.66 11.98 -4.12
CA LEU B 412 -13.80 12.31 -3.00
C LEU B 412 -14.51 12.13 -1.67
N ASP B 413 -15.72 12.66 -1.55
CA ASP B 413 -16.47 12.66 -0.29
C ASP B 413 -17.89 12.17 -0.56
N GLU B 414 -18.02 10.90 -0.94
CA GLU B 414 -19.32 10.31 -1.20
C GLU B 414 -20.05 10.05 0.12
N LEU B 415 -21.23 9.46 0.01
CA LEU B 415 -21.98 9.02 1.17
C LEU B 415 -21.51 7.63 1.60
N PRO B 416 -21.64 7.30 2.88
CA PRO B 416 -21.33 5.94 3.33
C PRO B 416 -22.23 4.93 2.64
N PRO B 417 -21.85 3.65 2.60
CA PRO B 417 -22.64 2.67 1.84
C PRO B 417 -24.08 2.57 2.31
N GLU B 418 -24.36 2.83 3.58
CA GLU B 418 -25.72 2.70 4.08
C GLU B 418 -26.58 3.89 3.67
N GLN B 419 -26.03 5.11 3.75
CA GLN B 419 -26.80 6.29 3.38
C GLN B 419 -26.93 6.41 1.87
N ALA B 420 -25.88 6.08 1.12
CA ALA B 420 -25.95 6.14 -0.33
C ALA B 420 -26.97 5.14 -0.87
N ALA B 421 -27.06 3.96 -0.24
CA ALA B 421 -28.02 2.95 -0.70
C ALA B 421 -29.45 3.42 -0.52
N LYS B 422 -29.78 4.02 0.63
CA LYS B 422 -31.13 4.54 0.85
C LYS B 422 -31.47 5.60 -0.19
N LYS B 423 -30.50 6.48 -0.51
CA LYS B 423 -30.75 7.52 -1.49
C LYS B 423 -30.86 6.94 -2.90
N PHE B 424 -30.06 5.91 -3.21
CA PHE B 424 -30.14 5.27 -4.51
C PHE B 424 -31.50 4.61 -4.72
N VAL B 425 -31.99 3.90 -3.70
CA VAL B 425 -33.29 3.24 -3.82
C VAL B 425 -34.41 4.26 -3.96
N GLU B 426 -34.30 5.38 -3.24
CA GLU B 426 -35.30 6.44 -3.36
C GLU B 426 -35.37 6.97 -4.79
N TYR B 427 -34.20 7.23 -5.39
CA TYR B 427 -34.17 7.73 -6.76
C TYR B 427 -34.63 6.70 -7.77
N GLY B 429 -37.16 4.66 -7.36
CA GLY B 429 -38.57 4.37 -7.18
C GLY B 429 -38.90 3.25 -6.23
N GLY B 430 -37.97 2.88 -5.36
CA GLY B 430 -38.21 1.87 -4.34
C GLY B 430 -37.67 0.50 -4.74
N ALA B 431 -37.78 -0.43 -3.79
CA ALA B 431 -37.22 -1.76 -3.98
C ALA B 431 -37.94 -2.51 -5.09
N ASP B 432 -39.27 -2.50 -5.07
CA ASP B 432 -40.03 -3.30 -6.03
C ASP B 432 -39.83 -2.80 -7.47
N ALA B 433 -39.61 -1.50 -7.64
CA ALA B 433 -39.27 -0.98 -8.97
C ALA B 433 -37.92 -1.51 -9.43
N ILE B 434 -36.95 -1.56 -8.52
CA ILE B 434 -35.62 -2.10 -8.85
C ILE B 434 -35.72 -3.60 -9.12
N GLN B 436 -38.14 -5.46 -10.32
CA GLN B 436 -38.68 -5.79 -11.64
C GLN B 436 -37.65 -5.57 -12.74
N LYS B 437 -36.85 -4.50 -12.63
CA LYS B 437 -35.77 -4.30 -13.58
C LYS B 437 -34.68 -5.34 -13.39
N ALA B 438 -34.34 -5.65 -12.13
CA ALA B 438 -33.25 -6.58 -11.86
C ALA B 438 -33.64 -8.02 -12.21
N LYS B 439 -34.92 -8.36 -12.09
CA LYS B 439 -35.35 -9.69 -12.53
C LYS B 439 -35.15 -9.86 -14.03
N ALA B 440 -35.46 -8.82 -14.80
CA ALA B 440 -35.23 -8.87 -16.24
C ALA B 440 -33.74 -8.90 -16.56
N ASP B 441 -32.94 -8.12 -15.84
CA ASP B 441 -31.50 -8.13 -16.04
C ASP B 441 -30.90 -9.50 -15.71
N TYR B 442 -31.47 -10.20 -14.74
CA TYR B 442 -30.99 -11.54 -14.41
C TYR B 442 -31.19 -12.50 -15.57
N GLN B 443 -32.34 -12.43 -16.24
CA GLN B 443 -32.60 -13.31 -17.36
C GLN B 443 -31.76 -12.96 -18.59
N GLN B 444 -31.19 -11.76 -18.63
CA GLN B 444 -30.30 -11.37 -19.71
C GLN B 444 -28.84 -11.69 -19.41
N GLY B 445 -28.55 -12.22 -18.23
CA GLY B 445 -27.21 -12.62 -17.87
C GLY B 445 -26.35 -11.54 -17.24
N ASN B 446 -26.91 -10.37 -16.96
CA ASN B 446 -26.14 -9.26 -16.39
C ASN B 446 -26.05 -9.40 -14.86
N TYR B 447 -25.45 -10.53 -14.44
CA TYR B 447 -25.43 -10.87 -13.02
C TYR B 447 -24.59 -9.90 -12.21
N ARG B 448 -23.53 -9.33 -12.80
CA ARG B 448 -22.73 -8.35 -12.09
C ARG B 448 -23.55 -7.12 -11.71
N TRP B 449 -24.34 -6.61 -12.66
CA TRP B 449 -25.15 -5.44 -12.36
C TRP B 449 -26.32 -5.78 -11.45
N VAL B 450 -26.90 -6.97 -11.60
CA VAL B 450 -28.02 -7.37 -10.75
C VAL B 450 -27.59 -7.33 -9.28
N ALA B 451 -26.46 -7.94 -8.96
CA ALA B 451 -25.94 -7.94 -7.60
C ALA B 451 -25.58 -6.54 -7.11
N GLN B 452 -25.27 -5.61 -8.03
CA GLN B 452 -24.82 -4.30 -7.60
C GLN B 452 -25.97 -3.45 -7.07
N VAL B 453 -27.06 -3.35 -7.83
CA VAL B 453 -28.20 -2.55 -7.38
C VAL B 453 -29.00 -3.28 -6.32
N THR B 454 -29.13 -4.60 -6.45
CA THR B 454 -29.83 -5.36 -5.41
C THR B 454 -29.14 -5.20 -4.06
N SER B 455 -27.83 -4.95 -4.07
CA SER B 455 -27.12 -4.66 -2.83
C SER B 455 -27.55 -3.33 -2.25
N LYS B 456 -27.93 -2.37 -3.09
CA LYS B 456 -28.42 -1.09 -2.59
C LYS B 456 -29.71 -1.27 -1.79
N ILE B 457 -30.58 -2.17 -2.26
CA ILE B 457 -31.80 -2.46 -1.50
C ILE B 457 -31.46 -3.08 -0.16
N VAL B 458 -30.56 -4.06 -0.16
CA VAL B 458 -30.25 -4.79 1.07
C VAL B 458 -29.55 -3.88 2.07
N PHE B 459 -28.68 -2.98 1.59
CA PHE B 459 -28.03 -2.05 2.49
C PHE B 459 -28.98 -0.96 2.99
N ALA B 460 -30.04 -0.67 2.23
CA ALA B 460 -31.08 0.22 2.72
C ALA B 460 -32.12 -0.51 3.58
N ASP B 461 -32.22 -1.83 3.44
CA ASP B 461 -33.19 -2.62 4.20
C ASP B 461 -32.65 -4.04 4.31
N PRO B 462 -31.87 -4.33 5.36
CA PRO B 462 -31.35 -5.69 5.53
C PRO B 462 -32.43 -6.74 5.68
N ASP B 463 -33.65 -6.36 6.05
CA ASP B 463 -34.75 -7.29 6.25
C ASP B 463 -35.51 -7.59 4.96
N ASN B 464 -35.05 -7.09 3.81
CA ASN B 464 -35.70 -7.36 2.53
C ASN B 464 -35.17 -8.70 2.02
N GLN B 465 -35.83 -9.78 2.44
CA GLN B 465 -35.38 -11.11 2.04
C GLN B 465 -35.58 -11.36 0.55
N GLN B 466 -36.56 -10.69 -0.07
CA GLN B 466 -36.77 -10.85 -1.50
C GLN B 466 -35.58 -10.30 -2.28
N ALA B 467 -34.97 -9.22 -1.81
CA ALA B 467 -33.78 -8.69 -2.47
C ALA B 467 -32.55 -9.54 -2.16
N ARG B 468 -32.39 -9.96 -0.91
CA ARG B 468 -31.26 -10.81 -0.55
C ARG B 468 -31.25 -12.10 -1.38
N ASP B 469 -32.41 -12.56 -1.82
CA ASP B 469 -32.47 -13.76 -2.65
C ASP B 469 -32.00 -13.46 -4.07
N LEU B 470 -32.48 -12.37 -4.66
CA LEU B 470 -32.08 -12.04 -6.02
C LEU B 470 -30.59 -11.71 -6.10
N GLU B 471 -30.06 -11.03 -5.07
CA GLU B 471 -28.62 -10.82 -5.00
C GLU B 471 -27.88 -12.14 -4.87
N ALA B 472 -28.44 -13.07 -4.09
CA ALA B 472 -27.81 -14.38 -3.93
C ALA B 472 -27.83 -15.15 -5.25
N ASP B 473 -28.90 -15.01 -6.03
CA ASP B 473 -28.95 -15.69 -7.32
C ASP B 473 -27.88 -15.16 -8.28
N ALA B 474 -27.67 -13.84 -8.29
CA ALA B 474 -26.64 -13.26 -9.15
C ALA B 474 -25.24 -13.58 -8.64
N LEU B 475 -25.03 -13.48 -7.33
CA LEU B 475 -23.76 -13.88 -6.75
C LEU B 475 -23.45 -15.35 -7.02
N GLU B 476 -24.48 -16.19 -7.09
CA GLU B 476 -24.26 -17.61 -7.30
C GLU B 476 -23.80 -17.90 -8.72
N GLN B 477 -24.41 -17.23 -9.71
CA GLN B 477 -23.99 -17.43 -11.10
C GLN B 477 -22.61 -16.87 -11.34
N LEU B 478 -22.26 -15.76 -10.69
CA LEU B 478 -20.90 -15.22 -10.81
C LEU B 478 -19.88 -16.16 -10.19
N GLY B 479 -20.28 -16.94 -9.19
CA GLY B 479 -19.38 -17.95 -8.65
C GLY B 479 -19.22 -19.13 -9.58
N TYR B 480 -20.33 -19.55 -10.22
CA TYR B 480 -20.25 -20.64 -11.20
C TYR B 480 -19.35 -20.28 -12.36
N GLN B 481 -19.26 -18.99 -12.71
CA GLN B 481 -18.39 -18.52 -13.78
C GLN B 481 -17.00 -18.17 -13.30
N ALA B 482 -16.77 -18.06 -11.98
CA ALA B 482 -15.49 -17.63 -11.47
C ALA B 482 -14.41 -18.68 -11.71
N GLU B 483 -13.28 -18.24 -12.26
CA GLU B 483 -12.11 -19.09 -12.46
C GLU B 483 -11.26 -19.22 -11.20
N ALA B 484 -11.30 -18.24 -10.30
CA ALA B 484 -10.53 -18.31 -9.07
C ALA B 484 -11.32 -19.01 -7.99
N GLY B 485 -10.69 -19.98 -7.33
CA GLY B 485 -11.34 -20.63 -6.20
C GLY B 485 -11.64 -19.68 -5.06
N THR B 486 -10.81 -18.65 -4.89
CA THR B 486 -11.08 -17.65 -3.86
C THR B 486 -12.27 -16.78 -4.24
N TRP B 487 -12.36 -16.37 -5.51
CA TRP B 487 -13.52 -15.64 -5.97
C TRP B 487 -14.78 -16.50 -5.90
N ARG B 488 -14.68 -17.77 -6.31
CA ARG B 488 -15.82 -18.67 -6.23
C ARG B 488 -16.31 -18.82 -4.80
N ASN B 489 -15.38 -19.04 -3.87
CA ASN B 489 -15.75 -19.16 -2.46
C ASN B 489 -16.35 -17.86 -1.94
N PHE B 490 -15.83 -16.72 -2.38
CA PHE B 490 -16.39 -15.44 -1.96
C PHE B 490 -17.81 -15.26 -2.49
N TYR B 491 -18.01 -15.55 -3.79
CA TYR B 491 -19.32 -15.34 -4.39
C TYR B 491 -20.37 -16.27 -3.78
N LEU B 492 -19.98 -17.53 -3.49
CA LEU B 492 -20.96 -18.50 -3.01
C LEU B 492 -21.22 -18.36 -1.52
N THR B 493 -20.19 -18.04 -0.73
CA THR B 493 -20.42 -17.77 0.69
C THR B 493 -21.27 -16.52 0.88
N GLY B 494 -21.12 -15.53 0.01
CA GLY B 494 -21.97 -14.35 0.08
C GLY B 494 -23.42 -14.68 -0.21
N ALA B 495 -23.66 -15.50 -1.24
CA ALA B 495 -25.03 -15.89 -1.57
C ALA B 495 -25.64 -16.75 -0.47
N GLN B 496 -24.83 -17.55 0.22
CA GLN B 496 -25.35 -18.39 1.30
C GLN B 496 -25.76 -17.56 2.51
N GLU B 497 -24.98 -16.53 2.84
CA GLU B 497 -25.27 -15.69 3.99
C GLU B 497 -26.37 -14.68 3.74
N LEU B 498 -26.92 -14.62 2.53
CA LEU B 498 -28.14 -13.86 2.28
C LEU B 498 -29.39 -14.72 2.46
N ARG B 499 -29.31 -15.97 2.01
CA ARG B 499 -30.48 -16.85 2.08
C ARG B 499 -30.75 -17.29 3.52
N ASN B 500 -29.72 -17.74 4.23
CA ASN B 500 -29.88 -18.20 5.60
C ASN B 500 -29.33 -17.24 6.64
N GLY B 501 -28.62 -16.20 6.24
CA GLY B 501 -27.93 -15.36 7.19
C GLY B 501 -26.63 -16.00 7.65
N VAL B 502 -25.96 -15.31 8.55
CA VAL B 502 -24.68 -15.78 9.08
C VAL B 502 -24.93 -16.68 10.28
N GLN B 503 -24.54 -17.95 10.17
CA GLN B 503 -24.71 -18.91 11.25
C GLN B 503 -23.45 -18.95 12.10
N LYS B 504 -23.54 -18.42 13.32
CA LYS B 504 -22.38 -18.32 14.20
C LYS B 504 -21.88 -19.69 14.65
N LEU B 505 -21.34 -20.47 13.71
CA LEU B 505 -20.70 -21.72 14.07
C LEU B 505 -19.40 -21.43 14.84
N PRO B 506 -19.03 -22.31 15.81
CA PRO B 506 -17.93 -22.03 16.76
C PRO B 506 -17.07 -20.78 16.58
N THR B 507 -15.77 -20.99 16.39
CA THR B 507 -14.74 -19.97 16.14
C THR B 507 -13.54 -20.69 15.57
N PRO B 508 -12.87 -20.16 14.55
CA PRO B 508 -11.82 -20.93 13.87
C PRO B 508 -10.42 -20.76 14.45
N ASN B 509 -10.32 -20.54 15.76
CA ASN B 509 -9.04 -20.47 16.48
C ASN B 509 -8.17 -19.30 16.03
N THR B 510 -7.93 -18.36 16.94
CA THR B 510 -7.18 -17.15 16.61
C THR B 510 -5.68 -17.34 16.78
N ALA B 511 -5.20 -17.33 18.03
CA ALA B 511 -3.78 -17.37 18.32
C ALA B 511 -3.43 -18.59 19.18
N SER B 512 -2.21 -19.09 18.98
CA SER B 512 -1.67 -20.25 19.67
C SER B 512 -0.45 -19.85 20.50
N PRO B 513 -0.14 -20.59 21.58
CA PRO B 513 0.90 -20.13 22.51
C PRO B 513 2.25 -19.80 21.89
N ASP B 514 2.67 -20.55 20.86
CA ASP B 514 3.96 -20.26 20.24
C ASP B 514 3.95 -18.93 19.49
N THR B 515 2.79 -18.51 18.99
CA THR B 515 2.71 -17.26 18.24
C THR B 515 2.84 -16.06 19.17
N VAL B 516 2.12 -16.09 20.29
CA VAL B 516 2.11 -14.94 21.21
C VAL B 516 3.43 -14.85 21.96
N ARG B 517 4.03 -15.99 22.32
CA ARG B 517 5.28 -15.96 23.06
C ARG B 517 6.40 -15.30 22.26
N ALA B 518 6.29 -15.27 20.93
CA ALA B 518 7.27 -14.63 20.07
C ALA B 518 7.01 -13.14 19.87
N THR B 520 6.65 -9.15 20.53
CA THR B 520 7.40 -8.19 21.32
C THR B 520 6.44 -7.41 22.21
N PRO B 521 6.93 -6.87 23.34
CA PRO B 521 6.04 -6.10 24.21
C PRO B 521 5.38 -4.91 23.51
N GLU B 522 6.10 -4.26 22.60
CA GLU B 522 5.51 -3.15 21.86
C GLU B 522 4.31 -3.60 21.04
N PHE B 524 2.14 -6.01 21.86
CA PHE B 524 1.01 -6.19 22.76
C PHE B 524 0.39 -4.85 23.13
N PHE B 525 1.22 -3.81 23.27
CA PHE B 525 0.69 -2.48 23.56
C PHE B 525 -0.02 -1.90 22.36
N ASP B 526 0.51 -2.11 21.15
CA ASP B 526 -0.20 -1.72 19.94
C ASP B 526 -1.49 -2.51 19.80
N TYR B 527 -1.44 -3.81 20.09
CA TYR B 527 -2.64 -4.64 20.08
C TYR B 527 -3.67 -4.13 21.07
N LEU B 528 -3.22 -3.61 22.21
CA LEU B 528 -4.13 -3.05 23.20
C LEU B 528 -4.71 -1.72 22.72
N GLY B 529 -3.89 -0.86 22.13
CA GLY B 529 -4.37 0.43 21.67
C GLY B 529 -5.43 0.32 20.59
N VAL B 530 -5.38 -0.77 19.80
CA VAL B 530 -6.40 -0.98 18.79
C VAL B 530 -7.75 -1.29 19.43
N HIS B 531 -7.75 -1.93 20.59
CA HIS B 531 -9.01 -2.28 21.24
C HIS B 531 -9.60 -1.13 22.04
N ILE B 532 -8.86 -0.05 22.28
CA ILE B 532 -9.38 1.08 23.05
C ILE B 532 -10.51 1.74 22.28
N ASN B 533 -11.69 1.79 22.88
CA ASN B 533 -12.84 2.48 22.29
C ASN B 533 -12.60 3.98 22.46
N GLY B 534 -12.21 4.64 21.37
CA GLY B 534 -11.80 6.03 21.40
C GLY B 534 -12.88 7.01 21.82
N GLU B 535 -14.14 6.59 21.85
CA GLU B 535 -15.23 7.47 22.24
C GLU B 535 -15.66 7.30 23.70
N LYS B 536 -15.52 6.10 24.26
CA LYS B 536 -15.73 5.94 25.69
C LYS B 536 -14.54 6.45 26.49
N ALA B 537 -13.34 6.46 25.89
CA ALA B 537 -12.11 6.84 26.57
C ALA B 537 -11.55 8.16 26.07
N GLY B 538 -12.31 8.91 25.28
CA GLY B 538 -11.81 10.18 24.78
C GLY B 538 -11.48 11.17 25.88
N ALA B 539 -12.35 11.25 26.88
CA ALA B 539 -12.14 12.15 28.02
C ALA B 539 -11.32 11.51 29.13
N ALA B 540 -10.88 10.27 28.95
CA ALA B 540 -10.15 9.56 29.98
C ALA B 540 -8.66 9.88 29.90
N LYS B 541 -8.00 9.81 31.05
CA LYS B 541 -6.58 10.12 31.17
C LYS B 541 -5.95 9.24 32.23
N ALA B 542 -4.85 8.57 31.88
CA ALA B 542 -4.17 7.69 32.81
C ALA B 542 -2.76 7.45 32.34
N VAL B 543 -1.86 7.20 33.28
CA VAL B 543 -0.47 6.86 33.00
C VAL B 543 -0.10 5.64 33.85
N PHE B 544 0.40 4.60 33.20
CA PHE B 544 0.75 3.36 33.87
C PHE B 544 2.21 3.01 33.65
N ASN B 545 2.77 2.25 34.58
CA ASN B 545 4.14 1.76 34.51
C ASN B 545 4.11 0.24 34.46
N ILE B 546 4.68 -0.32 33.40
CA ILE B 546 4.80 -1.77 33.24
C ILE B 546 6.27 -2.14 33.40
N ASP B 547 6.53 -3.11 34.28
CA ASP B 547 7.88 -3.62 34.50
C ASP B 547 7.88 -5.12 34.27
N LEU B 548 8.70 -5.57 33.31
CA LEU B 548 8.85 -6.98 33.00
C LEU B 548 10.15 -7.57 33.51
N GLY B 549 10.97 -6.78 34.19
CA GLY B 549 12.21 -7.30 34.73
C GLY B 549 13.23 -7.55 33.63
N LYS B 550 13.93 -8.67 33.74
CA LYS B 550 14.97 -9.00 32.76
C LYS B 550 14.38 -9.38 31.42
N ASP B 551 13.19 -10.00 31.41
CA ASP B 551 12.59 -10.52 30.19
C ASP B 551 11.67 -9.50 29.51
N GLY B 552 12.05 -8.23 29.50
CA GLY B 552 11.23 -7.23 28.83
C GLY B 552 11.61 -5.79 29.16
N GLY B 553 11.92 -5.52 30.42
CA GLY B 553 12.26 -4.17 30.83
C GLY B 553 11.06 -3.39 31.34
N LYS B 554 11.19 -2.07 31.30
CA LYS B 554 10.16 -1.16 31.76
C LYS B 554 9.49 -0.47 30.59
N TYR B 555 8.26 -0.02 30.82
CA TYR B 555 7.48 0.68 29.79
C TYR B 555 6.57 1.70 30.46
N LYS B 556 6.47 2.87 29.82
CA LYS B 556 5.56 3.93 30.27
C LYS B 556 4.37 3.98 29.33
N LEU B 557 3.18 3.75 29.87
CA LEU B 557 1.95 3.65 29.09
C LEU B 557 1.13 4.91 29.32
N GLU B 558 1.32 5.90 28.45
CA GLU B 558 0.55 7.14 28.52
C GLU B 558 -0.76 6.96 27.77
N LEU B 559 -1.87 7.32 28.40
CA LEU B 559 -3.21 7.07 27.86
C LEU B 559 -4.03 8.35 27.95
N GLU B 560 -4.15 9.05 26.83
CA GLU B 560 -5.03 10.20 26.70
C GLU B 560 -5.71 10.16 25.33
N ASN B 561 -6.81 10.89 25.21
CA ASN B 561 -7.52 11.10 23.95
C ASN B 561 -7.96 9.78 23.31
N GLY B 562 -8.27 8.78 24.13
CA GLY B 562 -8.57 7.46 23.59
C GLY B 562 -7.40 6.84 22.85
N VAL B 563 -6.18 7.22 23.21
CA VAL B 563 -4.97 6.79 22.53
C VAL B 563 -4.03 6.21 23.58
N LEU B 564 -3.49 5.02 23.31
CA LEU B 564 -2.57 4.34 24.22
C LEU B 564 -1.16 4.47 23.65
N ASN B 565 -0.42 5.44 24.14
CA ASN B 565 0.99 5.56 23.79
C ASN B 565 1.82 4.66 24.71
N HIS B 566 2.91 4.14 24.16
CA HIS B 566 3.86 3.35 24.94
C HIS B 566 5.27 3.77 24.56
N THR B 567 6.13 3.87 25.58
CA THR B 567 7.50 4.34 25.42
C THR B 567 8.43 3.36 26.12
N ALA B 568 9.48 2.93 25.42
CA ALA B 568 10.33 1.86 25.90
C ALA B 568 11.35 2.36 26.92
N ASN B 569 11.66 1.48 27.88
N ASN B 569 11.60 1.52 27.93
CA ASN B 569 12.56 1.74 29.01
CA ASN B 569 12.59 1.79 28.98
C ASN B 569 12.42 3.16 29.55
C ASN B 569 12.43 3.20 29.55
N ALA B 570 11.24 3.46 30.09
CA ALA B 570 10.96 4.76 30.69
C ALA B 570 10.03 4.55 31.87
N VAL B 571 10.14 5.44 32.86
CA VAL B 571 9.28 5.40 34.03
C VAL B 571 8.50 6.70 34.10
N ALA B 572 7.30 6.62 34.65
CA ALA B 572 6.44 7.79 34.82
C ALA B 572 6.60 8.30 36.25
N ASP B 573 6.94 9.59 36.38
CA ASP B 573 7.23 10.13 37.70
C ASP B 573 6.00 10.08 38.60
N ASN B 574 4.82 10.32 38.04
CA ASN B 574 3.57 10.27 38.81
C ASN B 574 2.55 9.51 37.98
N ALA B 575 2.42 8.22 38.25
CA ALA B 575 1.52 7.33 37.52
C ALA B 575 0.34 6.96 38.40
N ASP B 576 -0.74 6.52 37.74
CA ASP B 576 -1.91 6.06 38.49
C ASP B 576 -1.63 4.73 39.19
N ALA B 577 -0.85 3.86 38.56
CA ALA B 577 -0.51 2.57 39.13
C ALA B 577 0.72 2.03 38.42
N SER B 578 1.45 1.17 39.12
CA SER B 578 2.63 0.51 38.58
C SER B 578 2.41 -0.99 38.65
N ILE B 579 2.54 -1.67 37.51
CA ILE B 579 2.31 -3.10 37.40
C ILE B 579 3.64 -3.77 37.11
N SER B 580 4.00 -4.76 37.93
CA SER B 580 5.19 -5.56 37.73
C SER B 580 4.78 -7.02 37.61
N LEU B 581 5.23 -7.67 36.53
CA LEU B 581 4.90 -9.07 36.29
C LEU B 581 5.93 -9.64 35.33
N SER B 582 5.96 -10.97 35.26
CA SER B 582 6.88 -11.65 34.35
C SER B 582 6.28 -11.70 32.95
N ARG B 583 7.16 -11.75 31.95
CA ARG B 583 6.71 -11.90 30.57
C ARG B 583 5.97 -13.22 30.38
N ASP B 584 6.38 -14.26 31.09
CA ASP B 584 5.70 -15.54 31.00
C ASP B 584 4.29 -15.45 31.57
N THR B 585 4.08 -14.63 32.61
CA THR B 585 2.73 -14.38 33.10
C THR B 585 1.94 -13.52 32.13
N LEU B 586 2.59 -12.52 31.53
CA LEU B 586 1.92 -11.68 30.55
C LEU B 586 1.43 -12.51 29.37
N ASN B 587 2.24 -13.45 28.89
CA ASN B 587 1.82 -14.32 27.80
C ASN B 587 0.60 -15.15 28.19
N LYS B 588 0.51 -15.56 29.45
CA LYS B 588 -0.68 -16.28 29.91
C LYS B 588 -1.90 -15.36 29.93
N ILE B 589 -1.70 -14.07 30.18
CA ILE B 589 -2.81 -13.13 30.16
C ILE B 589 -3.21 -12.79 28.73
N ILE B 590 -2.22 -12.65 27.83
CA ILE B 590 -2.51 -12.36 26.43
C ILE B 590 -3.32 -13.50 25.82
N LEU B 591 -2.86 -14.73 26.03
CA LEU B 591 -3.50 -15.91 25.46
C LEU B 591 -4.83 -16.25 26.12
N LYS B 592 -5.30 -15.43 27.07
CA LYS B 592 -6.56 -15.62 27.79
C LYS B 592 -6.61 -16.96 28.52
N GLN B 593 -5.45 -17.56 28.81
CA GLN B 593 -5.42 -18.70 29.72
C GLN B 593 -5.66 -18.24 31.15
N GLU B 594 -5.07 -17.12 31.53
CA GLU B 594 -5.29 -16.50 32.83
C GLU B 594 -5.82 -15.09 32.63
N THR B 595 -6.24 -14.49 33.75
CA THR B 595 -6.58 -13.08 33.81
C THR B 595 -5.64 -12.40 34.80
N LEU B 596 -5.55 -11.07 34.71
CA LEU B 596 -4.69 -10.36 35.66
C LEU B 596 -5.28 -10.35 37.06
N LYS B 597 -6.59 -10.55 37.19
CA LYS B 597 -7.17 -10.72 38.52
C LYS B 597 -6.84 -12.09 39.09
N GLN B 598 -6.95 -13.14 38.27
CA GLN B 598 -6.55 -14.47 38.71
C GLN B 598 -5.05 -14.52 38.99
N ALA B 599 -4.24 -13.88 38.13
CA ALA B 599 -2.80 -13.88 38.34
C ALA B 599 -2.41 -13.08 39.57
N GLU B 600 -3.15 -11.99 39.87
CA GLU B 600 -2.85 -11.23 41.08
C GLU B 600 -3.26 -11.99 42.33
N ALA B 601 -4.35 -12.77 42.26
CA ALA B 601 -4.75 -13.61 43.38
C ALA B 601 -3.72 -14.69 43.70
N GLN B 602 -2.77 -14.95 42.79
CA GLN B 602 -1.70 -15.89 43.02
C GLN B 602 -0.35 -15.20 43.19
N GLY B 603 -0.34 -13.88 43.36
CA GLY B 603 0.88 -13.14 43.58
C GLY B 603 1.76 -12.93 42.37
N LYS B 604 1.37 -13.45 41.20
CA LYS B 604 2.21 -13.31 40.02
C LYS B 604 2.26 -11.87 39.52
N VAL B 605 1.17 -11.13 39.68
CA VAL B 605 1.10 -9.72 39.30
C VAL B 605 0.86 -8.90 40.56
N LYS B 606 1.73 -7.92 40.79
CA LYS B 606 1.55 -6.98 41.90
C LYS B 606 1.28 -5.60 41.34
N ILE B 607 0.29 -4.92 41.91
CA ILE B 607 -0.15 -3.60 41.45
C ILE B 607 0.02 -2.63 42.60
N SER B 608 0.86 -1.61 42.40
CA SER B 608 1.20 -0.64 43.42
C SER B 608 0.67 0.72 42.98
N GLY B 609 -0.54 1.04 43.38
CA GLY B 609 -1.16 2.30 43.03
C GLY B 609 -2.68 2.14 42.96
N ASN B 610 -3.27 2.93 42.07
CA ASN B 610 -4.73 2.93 41.88
C ASN B 610 -5.08 1.82 40.90
N GLY B 611 -5.37 0.63 41.45
CA GLY B 611 -5.77 -0.48 40.61
C GLY B 611 -7.13 -0.28 39.98
N ALA B 612 -8.03 0.43 40.65
CA ALA B 612 -9.34 0.70 40.08
C ALA B 612 -9.25 1.60 38.86
N LYS B 613 -8.21 2.43 38.77
CA LYS B 613 -7.98 3.21 37.56
C LYS B 613 -7.58 2.29 36.41
N LEU B 614 -6.77 1.27 36.68
CA LEU B 614 -6.47 0.26 35.67
C LEU B 614 -7.73 -0.48 35.26
N ASP B 615 -8.58 -0.82 36.23
CA ASP B 615 -9.84 -1.49 35.91
C ASP B 615 -10.73 -0.62 35.04
N GLU B 616 -10.65 0.69 35.19
CA GLU B 616 -11.47 1.58 34.38
C GLU B 616 -10.98 1.61 32.93
N LEU B 618 -9.19 -0.54 31.35
CA LEU B 618 -9.42 -1.84 30.73
C LEU B 618 -10.88 -2.06 30.37
N SER B 619 -11.81 -1.37 31.04
CA SER B 619 -13.21 -1.50 30.68
C SER B 619 -13.55 -0.80 29.37
N TYR B 620 -12.67 0.10 28.90
CA TYR B 620 -12.91 0.82 27.66
C TYR B 620 -12.56 0.00 26.43
N ASP B 622 -12.94 -2.90 23.67
CA ASP B 622 -14.00 -3.71 23.11
C ASP B 622 -13.51 -5.13 22.85
N THR B 623 -14.46 -6.05 22.74
CA THR B 623 -14.21 -7.40 22.26
C THR B 623 -14.62 -7.48 20.80
N PHE B 624 -13.75 -8.03 19.98
CA PHE B 624 -14.00 -8.13 18.54
C PHE B 624 -14.76 -9.41 18.26
N ALA B 625 -16.00 -9.27 17.82
CA ALA B 625 -16.81 -10.41 17.42
C ALA B 625 -16.35 -10.90 16.05
N PHE B 626 -16.07 -12.20 15.96
CA PHE B 626 -15.60 -12.76 14.70
C PHE B 626 -16.68 -12.67 13.62
N TRP B 627 -17.90 -13.10 13.95
CA TRP B 627 -18.97 -13.26 12.96
C TRP B 627 -19.69 -11.94 12.73
N PHE B 628 -18.96 -10.99 12.14
CA PHE B 628 -19.58 -9.73 11.74
C PHE B 628 -20.14 -9.85 10.33
N ASN B 629 -21.01 -8.91 9.98
CA ASN B 629 -21.70 -8.94 8.70
C ASN B 629 -20.80 -8.44 7.58
N ILE B 630 -20.74 -9.20 6.51
CA ILE B 630 -19.97 -8.84 5.32
C ILE B 630 -20.89 -8.45 4.16
N VAL B 631 -21.87 -9.30 3.85
CA VAL B 631 -22.75 -9.07 2.71
C VAL B 631 -23.93 -8.16 3.05
N THR B 632 -24.16 -7.88 4.33
CA THR B 632 -25.20 -6.97 4.80
C THR B 632 -24.58 -5.99 5.77
N PRO B 633 -25.29 -4.89 6.08
CA PRO B 633 -24.77 -3.96 7.09
C PRO B 633 -24.64 -4.60 8.48
#